data_3GL0
#
_entry.id   3GL0
#
_cell.length_a   81.205
_cell.length_b   81.205
_cell.length_c   158.557
_cell.angle_alpha   90.00
_cell.angle_beta   90.00
_cell.angle_gamma   120.00
#
_symmetry.space_group_name_H-M   'P 32'
#
loop_
_entity.id
_entity.type
_entity.pdbx_description
1 polymer DdmC
2 non-polymer 'FE2/S2 (INORGANIC) CLUSTER'
3 non-polymer 'FE (III) ION'
4 non-polymer '3,6-dichloro-2-hydroxybenzoic acid'
5 non-polymer 'OXYGEN MOLECULE'
6 non-polymer 1,2-ETHANEDIOL
7 water water
#
_entity_poly.entity_id   1
_entity_poly.type   'polypeptide(L)'
_entity_poly.pdbx_seq_one_letter_code
;MATFVRNAWYVAALPEELSEKPLGRTILDTPLALYRQPDGVVAALLDICPHRFAPLSDGILVNGHLQCPYHGLEFDGGGQ
CVHNPHGNGARPASLNVRSFPVVERDALIWIWPGDPALADPGAIPDFGCRVDPAYRTVGGYGHVDCNYKLLVDNLMDLGH
AQYVHRANAQTDAFDRLEREVIVGDGEIQALMKIPGGTPSVLMAKFLRGANTPVDAWNDIRWNKVSAMLNFIAVAPEGTP
KEQSIHSRGTHILTPETEASCHYFFGSSRNFGIDDPEMDGVLRSWQAQALVKEDKVVVEAIERRRAYVEANGIRPAMLSC
DEAAVRVSREIEKLEQLEAARLEHHHHHH
;
_entity_poly.pdbx_strand_id   A,B,C
#
# COMPACT_ATOMS: atom_id res chain seq x y z
N ALA A 2 -3.24 -14.31 11.76
CA ALA A 2 -2.62 -13.65 12.94
C ALA A 2 -3.02 -14.39 14.21
N THR A 3 -2.02 -14.82 14.98
CA THR A 3 -2.27 -15.37 16.32
C THR A 3 -2.08 -14.31 17.42
N PHE A 4 -3.16 -14.07 18.15
CA PHE A 4 -3.14 -13.13 19.27
C PHE A 4 -3.64 -13.88 20.50
N VAL A 5 -3.32 -13.36 21.67
CA VAL A 5 -3.85 -13.91 22.90
C VAL A 5 -5.13 -13.12 23.23
N ARG A 6 -6.29 -13.71 22.97
CA ARG A 6 -7.54 -12.93 23.04
C ARG A 6 -8.11 -12.83 24.46
N ASN A 7 -7.90 -13.86 25.26
CA ASN A 7 -8.39 -13.89 26.64
C ASN A 7 -7.40 -13.19 27.54
N ALA A 8 -7.41 -11.86 27.43
CA ALA A 8 -6.53 -10.99 28.19
C ALA A 8 -7.03 -9.58 28.04
N TRP A 9 -6.70 -8.71 28.98
CA TRP A 9 -7.11 -7.32 28.86
C TRP A 9 -6.07 -6.55 28.05
N TYR A 10 -6.56 -5.72 27.15
CA TYR A 10 -5.70 -4.82 26.40
C TYR A 10 -6.20 -3.41 26.54
N VAL A 11 -5.27 -2.47 26.52
CA VAL A 11 -5.66 -1.08 26.43
C VAL A 11 -6.08 -0.76 25.01
N ALA A 12 -7.33 -0.32 24.88
CA ALA A 12 -7.92 0.03 23.59
C ALA A 12 -7.81 1.53 23.28
N ALA A 13 -7.72 2.34 24.32
CA ALA A 13 -7.70 3.78 24.17
C ALA A 13 -7.28 4.45 25.48
N LEU A 14 -6.86 5.72 25.36
CA LEU A 14 -6.78 6.59 26.52
C LEU A 14 -8.14 7.26 26.68
N PRO A 15 -8.58 7.46 27.92
CA PRO A 15 -9.92 8.06 28.11
C PRO A 15 -10.12 9.36 27.38
N GLU A 16 -9.06 10.15 27.32
CA GLU A 16 -9.12 11.44 26.63
C GLU A 16 -9.32 11.33 25.13
N GLU A 17 -9.16 10.14 24.57
CA GLU A 17 -9.41 9.94 23.14
C GLU A 17 -10.88 9.81 22.81
N LEU A 18 -11.68 9.54 23.85
CA LEU A 18 -13.05 9.10 23.66
C LEU A 18 -14.02 10.23 23.98
N SER A 19 -15.21 10.13 23.40
CA SER A 19 -16.28 11.09 23.62
C SER A 19 -17.58 10.49 23.11
N GLU A 20 -18.59 11.35 22.91
CA GLU A 20 -19.84 10.86 22.35
C GLU A 20 -19.73 10.59 20.85
N LYS A 21 -18.66 11.10 20.24
CA LYS A 21 -18.38 10.80 18.86
C LYS A 21 -17.53 9.52 18.81
N PRO A 22 -18.07 8.45 18.21
CA PRO A 22 -17.29 7.21 18.28
C PRO A 22 -15.93 7.25 17.60
N LEU A 23 -15.02 6.46 18.17
CA LEU A 23 -13.67 6.27 17.66
C LEU A 23 -13.62 4.85 17.11
N GLY A 24 -13.29 4.73 15.85
CA GLY A 24 -13.09 3.41 15.23
C GLY A 24 -11.63 3.04 15.35
N ARG A 25 -11.37 1.97 16.09
CA ARG A 25 -10.01 1.46 16.24
C ARG A 25 -10.03 -0.08 16.21
N THR A 26 -9.04 -0.65 15.53
CA THR A 26 -8.87 -2.11 15.45
C THR A 26 -7.88 -2.62 16.47
N ILE A 27 -8.32 -3.57 17.28
CA ILE A 27 -7.40 -4.28 18.18
C ILE A 27 -7.48 -5.80 17.92
N LEU A 28 -6.33 -6.46 17.87
CA LEU A 28 -6.28 -7.88 17.55
C LEU A 28 -7.17 -8.22 16.34
N ASP A 29 -7.00 -7.45 15.26
CA ASP A 29 -7.71 -7.62 14.00
C ASP A 29 -9.23 -7.50 14.13
N THR A 30 -9.68 -6.83 15.17
CA THR A 30 -11.10 -6.74 15.48
C THR A 30 -11.45 -5.29 15.47
N PRO A 31 -12.32 -4.87 14.55
CA PRO A 31 -12.66 -3.46 14.56
C PRO A 31 -13.70 -3.10 15.59
N LEU A 32 -13.36 -2.06 16.36
CA LEU A 32 -14.19 -1.60 17.49
C LEU A 32 -14.71 -0.19 17.29
N ALA A 33 -15.92 0.04 17.80
CA ALA A 33 -16.49 1.37 17.96
C ALA A 33 -16.49 1.69 19.44
N LEU A 34 -15.74 2.72 19.79
CA LEU A 34 -15.49 3.04 21.21
C LEU A 34 -16.05 4.43 21.45
N TYR A 35 -16.90 4.56 22.47
CA TYR A 35 -17.53 5.84 22.72
C TYR A 35 -17.90 5.93 24.19
N ARG A 36 -18.06 7.16 24.69
CA ARG A 36 -18.51 7.38 26.06
C ARG A 36 -19.97 7.80 25.95
N GLN A 37 -20.84 6.99 26.53
CA GLN A 37 -22.27 7.29 26.61
C GLN A 37 -22.56 8.56 27.40
N PRO A 38 -23.75 9.16 27.16
CA PRO A 38 -24.14 10.34 27.93
C PRO A 38 -24.04 10.20 29.45
N ASP A 39 -24.20 8.99 29.97
CA ASP A 39 -24.04 8.74 31.41
C ASP A 39 -22.60 8.50 31.84
N GLY A 40 -21.66 8.64 30.92
CA GLY A 40 -20.24 8.67 31.24
C GLY A 40 -19.56 7.32 31.07
N VAL A 41 -20.35 6.29 30.85
CA VAL A 41 -19.79 4.93 30.74
C VAL A 41 -19.33 4.60 29.31
N VAL A 42 -18.08 4.16 29.17
CA VAL A 42 -17.55 3.77 27.89
C VAL A 42 -18.10 2.42 27.43
N ALA A 43 -18.50 2.39 26.15
CA ALA A 43 -18.93 1.18 25.48
C ALA A 43 -17.99 0.84 24.33
N ALA A 44 -17.92 -0.44 24.00
CA ALA A 44 -17.07 -0.94 22.92
C ALA A 44 -17.86 -2.01 22.19
N LEU A 45 -18.30 -1.67 20.98
CA LEU A 45 -19.07 -2.55 20.13
C LEU A 45 -18.24 -3.00 18.94
N LEU A 46 -18.46 -4.22 18.47
CA LEU A 46 -17.93 -4.61 17.20
C LEU A 46 -18.37 -3.60 16.14
N ASP A 47 -17.42 -3.09 15.38
CA ASP A 47 -17.68 -2.00 14.45
C ASP A 47 -18.22 -2.53 13.11
N ILE A 48 -19.26 -3.35 13.20
CA ILE A 48 -19.84 -4.06 12.05
C ILE A 48 -21.33 -4.22 12.36
N CYS A 49 -22.17 -3.44 11.71
CA CYS A 49 -23.62 -3.54 11.97
C CYS A 49 -24.10 -4.91 11.56
N PRO A 50 -24.86 -5.58 12.43
CA PRO A 50 -25.39 -6.92 12.15
C PRO A 50 -26.28 -7.05 10.92
N HIS A 51 -26.84 -5.93 10.47
CA HIS A 51 -27.70 -5.89 9.29
C HIS A 51 -26.85 -6.08 8.03
N ARG A 52 -26.14 -5.03 7.61
CA ARG A 52 -25.34 -5.08 6.40
C ARG A 52 -23.86 -4.66 6.56
N PHE A 53 -23.38 -4.60 7.80
CA PHE A 53 -21.97 -4.60 8.11
C PHE A 53 -21.35 -3.20 8.02
N ALA A 54 -22.19 -2.17 8.02
CA ALA A 54 -21.69 -0.79 8.04
C ALA A 54 -20.98 -0.48 9.37
N PRO A 55 -20.02 0.46 9.34
CA PRO A 55 -19.31 0.93 10.50
C PRO A 55 -20.23 1.73 11.42
N LEU A 56 -20.59 1.14 12.54
CA LEU A 56 -21.26 1.88 13.59
C LEU A 56 -20.46 3.10 14.06
N SER A 57 -19.14 3.03 13.96
CA SER A 57 -18.28 4.15 14.41
C SER A 57 -18.44 5.40 13.58
N ASP A 58 -19.09 5.27 12.42
CA ASP A 58 -19.39 6.43 11.57
C ASP A 58 -20.78 7.02 11.90
N GLY A 59 -21.45 6.43 12.86
CA GLY A 59 -22.80 6.84 13.24
C GLY A 59 -22.73 7.86 14.36
N ILE A 60 -23.89 8.33 14.80
CA ILE A 60 -23.95 9.27 15.92
C ILE A 60 -24.89 8.72 16.98
N LEU A 61 -24.84 9.31 18.17
CA LEU A 61 -25.76 8.88 19.20
C LEU A 61 -27.14 9.47 18.97
N VAL A 62 -28.16 8.64 19.16
CA VAL A 62 -29.56 9.10 19.10
C VAL A 62 -30.20 8.56 20.38
N ASN A 63 -30.58 9.45 21.28
CA ASN A 63 -31.01 9.05 22.61
C ASN A 63 -29.94 8.31 23.39
N GLY A 64 -28.68 8.67 23.17
CA GLY A 64 -27.59 8.02 23.87
C GLY A 64 -27.37 6.59 23.41
N HIS A 65 -28.06 6.23 22.33
CA HIS A 65 -27.77 4.99 21.63
C HIS A 65 -27.04 5.24 20.30
N LEU A 66 -26.06 4.40 20.02
CA LEU A 66 -25.30 4.51 18.78
C LEU A 66 -26.18 4.07 17.61
N GLN A 67 -26.35 4.94 16.63
CA GLN A 67 -27.23 4.68 15.49
C GLN A 67 -26.37 4.27 14.28
N CYS A 68 -26.72 3.15 13.64
CA CYS A 68 -26.03 2.79 12.43
C CYS A 68 -26.28 3.84 11.36
N PRO A 69 -25.22 4.27 10.67
CA PRO A 69 -25.43 5.36 9.72
C PRO A 69 -26.08 4.94 8.41
N TYR A 70 -26.26 3.64 8.20
CA TYR A 70 -26.75 3.15 6.92
C TYR A 70 -28.29 3.11 6.90
N HIS A 71 -28.88 2.33 7.80
CA HIS A 71 -30.34 2.16 7.84
C HIS A 71 -30.85 2.30 9.26
N GLY A 72 -30.04 2.82 10.17
CA GLY A 72 -30.60 3.51 11.34
C GLY A 72 -30.98 2.62 12.52
N LEU A 73 -30.57 1.35 12.51
CA LEU A 73 -30.66 0.53 13.75
C LEU A 73 -29.93 1.23 14.89
N GLU A 74 -30.49 1.11 16.09
CA GLU A 74 -29.88 1.69 17.29
C GLU A 74 -29.45 0.63 18.29
N PHE A 75 -28.29 0.85 18.89
CA PHE A 75 -27.73 -0.10 19.83
C PHE A 75 -27.42 0.56 21.16
N ASP A 76 -27.53 -0.20 22.24
CA ASP A 76 -27.06 0.28 23.53
C ASP A 76 -25.66 -0.23 23.80
N GLY A 77 -25.11 0.08 24.98
CA GLY A 77 -23.70 -0.19 25.21
C GLY A 77 -23.42 -1.66 25.42
N GLY A 78 -24.46 -2.44 25.68
CA GLY A 78 -24.36 -3.89 25.73
C GLY A 78 -24.58 -4.56 24.39
N GLY A 79 -24.70 -3.75 23.34
CA GLY A 79 -24.89 -4.24 21.98
C GLY A 79 -26.33 -4.65 21.61
N GLN A 80 -27.27 -4.49 22.53
N GLN A 80 -27.25 -4.51 22.56
CA GLN A 80 -28.65 -4.90 22.23
CA GLN A 80 -28.67 -4.76 22.29
C GLN A 80 -29.35 -3.86 21.35
C GLN A 80 -29.13 -3.82 21.17
N CYS A 81 -29.85 -4.35 20.19
CA CYS A 81 -30.64 -3.49 19.30
C CYS A 81 -31.87 -3.00 20.04
N VAL A 82 -31.98 -1.67 20.18
CA VAL A 82 -33.03 -1.07 20.97
C VAL A 82 -34.05 -0.32 20.12
N HIS A 83 -33.80 -0.18 18.82
CA HIS A 83 -34.79 0.34 17.91
C HIS A 83 -34.50 -0.17 16.50
N ASN A 84 -35.55 -0.67 15.83
CA ASN A 84 -35.51 -0.99 14.41
C ASN A 84 -36.58 -0.15 13.71
N PRO A 85 -36.16 0.82 12.88
CA PRO A 85 -37.10 1.76 12.23
C PRO A 85 -38.03 1.12 11.18
N HIS A 86 -37.78 -0.12 10.78
CA HIS A 86 -38.36 -0.63 9.54
C HIS A 86 -39.48 -1.66 9.75
N GLY A 87 -40.57 -1.51 9.01
CA GLY A 87 -41.66 -2.47 9.05
C GLY A 87 -42.27 -2.49 10.44
N ASN A 88 -42.57 -3.69 10.94
CA ASN A 88 -43.19 -3.79 12.27
C ASN A 88 -42.20 -3.44 13.40
N GLY A 89 -40.94 -3.21 13.04
CA GLY A 89 -39.93 -2.72 13.99
C GLY A 89 -39.44 -3.81 14.97
N ALA A 90 -39.58 -5.12 14.43
CA ALA A 90 -39.26 -6.23 15.37
C ALA A 90 -37.74 -6.28 15.62
N ARG A 91 -37.34 -6.70 16.81
CA ARG A 91 -35.91 -6.80 17.11
C ARG A 91 -35.55 -8.15 17.68
N PRO A 92 -35.39 -9.13 16.79
CA PRO A 92 -34.92 -10.44 17.21
C PRO A 92 -33.45 -10.38 17.60
N ALA A 93 -32.98 -11.43 18.23
CA ALA A 93 -31.64 -11.46 18.81
C ALA A 93 -30.59 -11.32 17.73
N SER A 94 -30.94 -11.69 16.50
CA SER A 94 -30.01 -11.60 15.38
C SER A 94 -29.62 -10.17 15.07
N LEU A 95 -30.35 -9.19 15.61
CA LEU A 95 -29.97 -7.77 15.36
C LEU A 95 -29.03 -7.19 16.40
N ASN A 96 -28.81 -7.92 17.49
CA ASN A 96 -27.85 -7.47 18.49
C ASN A 96 -26.43 -7.58 17.95
N VAL A 97 -25.58 -6.62 18.31
CA VAL A 97 -24.16 -6.61 17.91
C VAL A 97 -23.29 -7.00 19.11
N ARG A 98 -22.14 -7.60 18.83
CA ARG A 98 -21.20 -8.01 19.88
C ARG A 98 -20.71 -6.78 20.66
N SER A 99 -20.74 -6.90 21.98
CA SER A 99 -20.21 -5.89 22.87
C SER A 99 -19.04 -6.51 23.61
N PHE A 100 -18.06 -5.69 23.92
CA PHE A 100 -16.84 -6.13 24.55
C PHE A 100 -16.78 -5.59 25.99
N PRO A 101 -16.42 -6.44 26.97
CA PRO A 101 -16.26 -5.92 28.32
C PRO A 101 -15.24 -4.80 28.39
N VAL A 102 -15.57 -3.75 29.15
CA VAL A 102 -14.66 -2.60 29.27
C VAL A 102 -14.51 -2.32 30.79
N VAL A 103 -13.28 -2.06 31.21
CA VAL A 103 -13.03 -1.47 32.54
C VAL A 103 -12.20 -0.20 32.37
N GLU A 104 -12.73 0.91 32.86
CA GLU A 104 -11.97 2.15 32.86
C GLU A 104 -11.27 2.27 34.22
N ARG A 105 -9.94 2.14 34.20
CA ARG A 105 -9.15 2.07 35.42
C ARG A 105 -7.77 2.65 35.15
N ASP A 106 -7.27 3.42 36.12
CA ASP A 106 -5.91 3.98 36.06
C ASP A 106 -5.73 4.85 34.82
N ALA A 107 -6.78 5.59 34.46
CA ALA A 107 -6.71 6.49 33.28
C ALA A 107 -6.36 5.72 32.00
N LEU A 108 -6.90 4.50 31.93
CA LEU A 108 -6.77 3.63 30.78
C LEU A 108 -8.14 3.03 30.48
N ILE A 109 -8.40 2.78 29.19
CA ILE A 109 -9.56 2.01 28.79
C ILE A 109 -9.15 0.57 28.42
N TRP A 110 -9.45 -0.36 29.30
CA TRP A 110 -9.10 -1.77 29.13
C TRP A 110 -10.29 -2.51 28.51
N ILE A 111 -10.02 -3.39 27.56
CA ILE A 111 -11.05 -4.15 26.88
C ILE A 111 -10.65 -5.61 26.83
N TRP A 112 -11.65 -6.47 26.96
CA TRP A 112 -11.46 -7.92 26.84
C TRP A 112 -11.96 -8.43 25.49
N PRO A 113 -11.03 -8.73 24.59
CA PRO A 113 -11.40 -9.18 23.23
C PRO A 113 -11.78 -10.64 23.05
N GLY A 114 -11.71 -11.44 24.10
CA GLY A 114 -12.01 -12.85 23.95
C GLY A 114 -13.42 -13.23 24.39
N ASP A 115 -13.51 -14.35 25.10
CA ASP A 115 -14.80 -14.82 25.62
C ASP A 115 -15.20 -13.90 26.76
N PRO A 116 -16.32 -13.16 26.59
CA PRO A 116 -16.66 -12.12 27.57
C PRO A 116 -17.04 -12.66 28.95
N ALA A 117 -17.47 -13.92 28.98
CA ALA A 117 -17.75 -14.61 30.25
C ALA A 117 -16.49 -14.71 31.13
N LEU A 118 -15.30 -14.63 30.53
CA LEU A 118 -14.06 -14.87 31.25
C LEU A 118 -13.37 -13.59 31.70
N ALA A 119 -13.99 -12.45 31.43
CA ALA A 119 -13.31 -11.17 31.65
C ALA A 119 -13.32 -10.94 33.15
N ASP A 120 -12.14 -10.90 33.74
CA ASP A 120 -11.97 -10.89 35.21
C ASP A 120 -11.21 -9.62 35.57
N PRO A 121 -11.89 -8.61 36.11
CA PRO A 121 -11.22 -7.33 36.36
C PRO A 121 -10.03 -7.45 37.31
N GLY A 122 -10.01 -8.55 38.06
CA GLY A 122 -8.91 -8.83 38.95
C GLY A 122 -7.60 -9.08 38.23
N ALA A 123 -7.69 -9.31 36.93
CA ALA A 123 -6.54 -9.66 36.11
C ALA A 123 -5.91 -8.42 35.44
N ILE A 124 -6.51 -7.24 35.61
CA ILE A 124 -6.01 -6.03 34.98
C ILE A 124 -4.74 -5.57 35.69
N PRO A 125 -3.64 -5.36 34.95
CA PRO A 125 -2.39 -4.91 35.58
C PRO A 125 -2.51 -3.62 36.35
N ASP A 126 -1.65 -3.44 37.36
CA ASP A 126 -1.73 -2.30 38.30
C ASP A 126 -0.92 -1.10 37.79
N PHE A 127 -1.63 -0.09 37.30
CA PHE A 127 -1.03 1.19 36.92
C PHE A 127 -1.53 2.37 37.76
N GLY A 128 -1.70 2.14 39.05
CA GLY A 128 -2.41 3.07 39.91
C GLY A 128 -1.75 4.43 40.00
N CYS A 129 -0.43 4.46 39.77
CA CYS A 129 0.33 5.71 39.80
C CYS A 129 -0.26 6.76 38.85
N ARG A 130 -0.92 6.30 37.77
CA ARG A 130 -1.53 7.17 36.77
C ARG A 130 -2.71 7.96 37.34
N VAL A 131 -3.23 7.54 38.48
CA VAL A 131 -4.37 8.24 39.06
C VAL A 131 -4.10 8.64 40.49
N ASP A 132 -2.83 8.55 40.89
CA ASP A 132 -2.41 8.89 42.27
C ASP A 132 -2.11 10.39 42.30
N PRO A 133 -2.83 11.15 43.14
CA PRO A 133 -2.59 12.60 43.19
C PRO A 133 -1.19 13.03 43.61
N ALA A 134 -0.40 12.10 44.14
CA ALA A 134 1.01 12.36 44.45
C ALA A 134 1.91 12.34 43.22
N TYR A 135 1.43 11.75 42.12
CA TYR A 135 2.16 11.71 40.85
C TYR A 135 1.56 12.66 39.81
N ARG A 136 2.42 13.27 39.03
CA ARG A 136 1.99 13.97 37.81
C ARG A 136 2.18 13.12 36.57
N THR A 137 1.10 12.92 35.81
CA THR A 137 1.11 12.04 34.65
C THR A 137 0.85 12.79 33.35
N VAL A 138 1.75 12.57 32.38
CA VAL A 138 1.58 13.10 31.02
C VAL A 138 1.83 11.96 30.03
N GLY A 139 1.13 11.96 28.90
CA GLY A 139 1.41 10.91 27.91
C GLY A 139 0.52 10.98 26.70
N GLY A 140 0.50 9.92 25.93
CA GLY A 140 -0.35 9.94 24.75
C GLY A 140 -0.21 8.63 24.01
N TYR A 141 -0.47 8.72 22.71
CA TYR A 141 -0.76 7.58 21.84
C TYR A 141 0.16 7.67 20.63
N GLY A 142 0.64 6.53 20.17
CA GLY A 142 1.35 6.42 18.91
C GLY A 142 0.95 5.17 18.16
N HIS A 143 0.95 5.27 16.84
CA HIS A 143 0.72 4.12 15.98
C HIS A 143 2.02 3.67 15.36
N VAL A 144 2.26 2.35 15.37
CA VAL A 144 3.54 1.83 14.86
C VAL A 144 3.34 0.66 13.93
N ASP A 145 4.01 0.72 12.79
CA ASP A 145 3.95 -0.33 11.77
C ASP A 145 4.95 -1.46 12.10
N CYS A 146 4.82 -2.02 13.30
CA CYS A 146 5.50 -3.24 13.65
C CYS A 146 4.61 -4.19 14.43
N ASN A 147 4.96 -5.47 14.40
CA ASN A 147 4.43 -6.46 15.33
C ASN A 147 4.67 -6.01 16.77
N TYR A 148 3.65 -6.05 17.61
CA TYR A 148 3.80 -5.52 18.96
C TYR A 148 4.97 -6.17 19.68
N LYS A 149 5.28 -7.42 19.35
CA LYS A 149 6.35 -8.15 20.07
C LYS A 149 7.70 -7.46 19.90
N LEU A 150 7.86 -6.68 18.84
CA LEU A 150 9.12 -6.01 18.62
C LEU A 150 9.29 -4.86 19.58
N LEU A 151 8.18 -4.23 19.93
CA LEU A 151 8.25 -3.18 20.91
C LEU A 151 8.30 -3.71 22.36
N VAL A 152 7.71 -4.89 22.60
CA VAL A 152 7.97 -5.58 23.87
C VAL A 152 9.47 -5.85 24.03
N ASP A 153 10.11 -6.39 23.01
CA ASP A 153 11.56 -6.64 23.00
C ASP A 153 12.29 -5.33 23.30
N ASN A 154 11.86 -4.28 22.62
CA ASN A 154 12.48 -2.95 22.74
C ASN A 154 12.49 -2.51 24.19
N LEU A 155 11.33 -2.59 24.83
CA LEU A 155 11.15 -2.11 26.18
C LEU A 155 11.78 -2.99 27.24
N MET A 156 11.85 -4.30 27.01
CA MET A 156 12.34 -5.21 28.02
C MET A 156 13.88 -5.23 28.06
N ASP A 157 14.50 -4.56 27.08
CA ASP A 157 15.91 -4.15 27.19
C ASP A 157 16.07 -2.65 27.07
N LEU A 158 15.95 -1.96 28.19
CA LEU A 158 16.04 -0.50 28.20
C LEU A 158 17.48 -0.02 27.96
N GLY A 159 18.43 -0.96 27.91
CA GLY A 159 19.79 -0.61 27.49
C GLY A 159 19.88 0.00 26.10
N HIS A 160 18.85 -0.19 25.29
CA HIS A 160 18.86 0.36 23.93
C HIS A 160 18.86 1.88 23.97
N ALA A 161 18.42 2.46 25.07
CA ALA A 161 18.36 3.91 25.21
C ALA A 161 19.75 4.53 25.06
N GLN A 162 20.77 3.79 25.47
CA GLN A 162 22.17 4.23 25.36
C GLN A 162 22.62 4.58 23.92
N TYR A 163 22.00 3.93 22.94
CA TYR A 163 22.33 4.13 21.54
C TYR A 163 21.17 4.82 20.81
N VAL A 164 19.99 4.20 20.83
CA VAL A 164 18.83 4.71 20.10
C VAL A 164 18.50 6.11 20.56
N HIS A 165 18.63 6.36 21.87
CA HIS A 165 18.22 7.66 22.42
C HIS A 165 19.43 8.39 22.96
N ARG A 166 20.58 8.13 22.36
CA ARG A 166 21.84 8.57 22.94
C ARG A 166 21.91 10.08 23.23
N ALA A 167 21.31 10.93 22.39
CA ALA A 167 21.40 12.40 22.64
C ALA A 167 20.82 12.76 24.02
N ASN A 168 19.86 11.95 24.49
CA ASN A 168 19.15 12.26 25.75
C ASN A 168 19.57 11.33 26.88
N ALA A 169 19.94 10.09 26.54
CA ALA A 169 20.01 9.02 27.53
C ALA A 169 21.40 8.44 27.77
N GLN A 170 22.38 8.81 26.95
CA GLN A 170 23.71 8.18 27.04
C GLN A 170 24.30 8.48 28.43
N THR A 171 24.85 7.46 29.08
CA THR A 171 25.59 7.65 30.33
C THR A 171 27.02 7.09 30.24
N ASP A 172 27.98 7.80 30.84
CA ASP A 172 29.37 7.35 30.83
C ASP A 172 29.64 6.24 31.85
N ALA A 173 28.61 5.81 32.57
CA ALA A 173 28.70 4.69 33.50
C ALA A 173 28.00 3.40 32.98
N PHE A 174 27.61 3.41 31.70
CA PHE A 174 26.95 2.27 31.07
C PHE A 174 27.75 0.97 31.21
N ASP A 175 29.08 1.08 31.16
CA ASP A 175 29.94 -0.10 31.22
C ASP A 175 29.97 -0.71 32.63
N ARG A 176 29.36 -0.03 33.60
CA ARG A 176 29.30 -0.51 34.97
C ARG A 176 27.88 -0.91 35.38
N LEU A 177 27.00 -1.05 34.39
CA LEU A 177 25.62 -1.50 34.61
C LEU A 177 25.55 -2.80 35.42
N GLU A 178 24.64 -2.82 36.40
CA GLU A 178 24.29 -4.04 37.13
C GLU A 178 22.86 -4.43 36.80
N ARG A 179 22.68 -5.66 36.35
CA ARG A 179 21.36 -6.17 35.93
C ARG A 179 20.92 -7.34 36.80
N GLU A 180 19.61 -7.44 37.04
CA GLU A 180 18.98 -8.63 37.61
C GLU A 180 17.68 -8.85 36.87
N VAL A 181 17.20 -10.07 36.93
CA VAL A 181 15.91 -10.41 36.37
C VAL A 181 15.18 -11.17 37.47
N ILE A 182 13.96 -10.71 37.77
CA ILE A 182 13.13 -11.36 38.76
C ILE A 182 11.92 -11.94 38.06
N VAL A 183 11.69 -13.22 38.28
CA VAL A 183 10.60 -13.92 37.62
C VAL A 183 9.50 -14.25 38.62
N GLY A 184 8.29 -13.79 38.32
CA GLY A 184 7.16 -14.02 39.20
C GLY A 184 6.05 -14.79 38.52
N ASP A 185 4.92 -14.92 39.22
CA ASP A 185 3.69 -15.41 38.65
C ASP A 185 3.04 -14.33 37.78
N GLY A 186 3.12 -14.50 36.46
CA GLY A 186 2.50 -13.58 35.52
C GLY A 186 3.29 -12.29 35.24
N GLU A 187 4.50 -12.22 35.78
CA GLU A 187 5.24 -10.98 35.90
C GLU A 187 6.73 -11.25 35.83
N ILE A 188 7.42 -10.37 35.12
CA ILE A 188 8.88 -10.42 34.99
C ILE A 188 9.38 -8.99 35.15
N GLN A 189 10.43 -8.83 35.93
CA GLN A 189 11.13 -7.55 36.07
C GLN A 189 12.58 -7.62 35.60
N ALA A 190 12.97 -6.64 34.81
CA ALA A 190 14.37 -6.42 34.44
C ALA A 190 14.81 -5.21 35.23
N LEU A 191 15.79 -5.39 36.09
CA LEU A 191 16.32 -4.29 36.90
C LEU A 191 17.69 -3.89 36.35
N MET A 192 17.93 -2.58 36.21
CA MET A 192 19.25 -2.07 35.83
C MET A 192 19.59 -0.92 36.75
N LYS A 193 20.77 -0.99 37.36
CA LYS A 193 21.35 0.14 38.08
C LYS A 193 22.59 0.64 37.37
N ILE A 194 22.68 1.96 37.20
CA ILE A 194 23.83 2.61 36.59
C ILE A 194 24.49 3.47 37.65
N PRO A 195 25.59 2.96 38.23
CA PRO A 195 26.22 3.54 39.41
C PRO A 195 27.33 4.52 39.06
N GLY A 196 27.27 5.71 39.65
CA GLY A 196 28.46 6.52 39.84
C GLY A 196 28.79 7.44 38.67
N GLY A 197 27.90 7.48 37.68
CA GLY A 197 28.12 8.29 36.48
C GLY A 197 27.72 9.75 36.62
N THR A 198 28.18 10.57 35.68
CA THR A 198 27.50 11.82 35.38
C THR A 198 26.07 11.55 34.89
N PRO A 199 25.09 12.38 35.31
CA PRO A 199 23.74 12.16 34.81
C PRO A 199 23.70 12.41 33.32
N SER A 200 22.89 11.61 32.62
CA SER A 200 22.53 11.84 31.22
C SER A 200 21.91 13.21 31.01
N VAL A 201 21.83 13.64 29.76
CA VAL A 201 21.21 14.92 29.46
C VAL A 201 19.79 15.00 30.06
N LEU A 202 18.99 13.97 29.83
CA LEU A 202 17.64 13.87 30.44
C LEU A 202 17.66 13.81 31.98
N MET A 203 18.51 12.98 32.55
CA MET A 203 18.54 12.85 34.00
C MET A 203 18.93 14.18 34.64
N ALA A 204 19.84 14.92 34.00
CA ALA A 204 20.25 16.24 34.50
C ALA A 204 19.06 17.21 34.48
N LYS A 205 18.20 17.10 33.48
CA LYS A 205 16.99 17.90 33.46
C LYS A 205 16.06 17.50 34.63
N PHE A 206 15.95 16.19 34.91
CA PHE A 206 15.16 15.74 36.07
C PHE A 206 15.64 16.47 37.33
N LEU A 207 16.96 16.62 37.42
CA LEU A 207 17.63 17.17 38.60
C LEU A 207 17.87 18.69 38.48
N ARG A 208 17.19 19.34 37.53
CA ARG A 208 17.31 20.79 37.36
C ARG A 208 18.77 21.20 37.21
N GLY A 209 19.49 20.40 36.44
CA GLY A 209 20.79 20.80 35.93
C GLY A 209 21.96 20.25 36.71
N ALA A 210 21.69 19.75 37.91
CA ALA A 210 22.77 19.25 38.78
C ALA A 210 23.62 18.22 38.00
N ASN A 211 24.93 18.47 37.92
CA ASN A 211 25.79 17.65 37.04
C ASN A 211 26.86 16.83 37.78
N THR A 212 26.71 16.73 39.10
CA THR A 212 27.60 15.89 39.91
C THR A 212 27.15 14.43 39.91
N PRO A 213 28.02 13.52 40.34
CA PRO A 213 27.78 12.10 40.06
C PRO A 213 26.51 11.57 40.72
N VAL A 214 25.83 10.69 40.00
CA VAL A 214 24.55 10.17 40.45
C VAL A 214 24.60 8.66 40.40
N ASP A 215 23.69 8.02 41.14
CA ASP A 215 23.19 6.70 40.74
C ASP A 215 21.89 6.79 39.98
N ALA A 216 21.73 5.92 39.00
CA ALA A 216 20.51 5.87 38.24
C ALA A 216 19.98 4.44 38.16
N TRP A 217 18.66 4.34 38.11
CA TRP A 217 17.97 3.07 37.95
C TRP A 217 17.04 3.14 36.75
N ASN A 218 17.05 2.09 35.94
CA ASN A 218 16.07 1.92 34.85
C ASN A 218 15.50 0.53 34.96
N ASP A 219 14.45 0.37 35.75
CA ASP A 219 13.82 -0.95 35.88
C ASP A 219 12.58 -1.06 34.99
N ILE A 220 12.18 -2.29 34.68
CA ILE A 220 10.89 -2.47 34.02
C ILE A 220 10.17 -3.76 34.43
N ARG A 221 8.86 -3.62 34.62
CA ARG A 221 7.97 -4.72 34.96
C ARG A 221 7.08 -5.01 33.75
N TRP A 222 7.03 -6.28 33.37
CA TRP A 222 6.10 -6.79 32.38
C TRP A 222 5.01 -7.62 33.07
N ASN A 223 3.75 -7.37 32.73
CA ASN A 223 2.67 -8.33 32.91
C ASN A 223 2.06 -8.76 31.57
N LYS A 224 1.56 -9.98 31.49
CA LYS A 224 0.92 -10.45 30.26
C LYS A 224 -0.25 -9.54 29.86
N VAL A 225 -0.51 -9.42 28.55
CA VAL A 225 0.36 -9.93 27.50
C VAL A 225 1.51 -8.97 27.17
N SER A 226 1.25 -7.66 27.20
CA SER A 226 2.18 -6.67 26.66
C SER A 226 2.01 -5.30 27.35
N ALA A 227 1.87 -5.36 28.67
CA ALA A 227 1.70 -4.16 29.50
C ALA A 227 2.93 -3.99 30.38
N MET A 228 3.64 -2.88 30.20
CA MET A 228 4.86 -2.66 30.94
C MET A 228 4.86 -1.34 31.72
N LEU A 229 5.50 -1.36 32.87
CA LEU A 229 5.66 -0.15 33.70
C LEU A 229 7.12 -0.07 34.11
N ASN A 230 7.79 1.02 33.75
CA ASN A 230 9.19 1.18 34.08
C ASN A 230 9.33 2.12 35.25
N PHE A 231 10.55 2.16 35.77
CA PHE A 231 10.97 3.00 36.89
C PHE A 231 12.30 3.63 36.43
N ILE A 232 12.27 4.93 36.19
CA ILE A 232 13.41 5.70 35.73
C ILE A 232 13.73 6.70 36.85
N ALA A 233 14.87 6.49 37.51
CA ALA A 233 15.12 7.17 38.76
C ALA A 233 16.56 7.59 38.82
N VAL A 234 16.82 8.70 39.50
CA VAL A 234 18.18 9.18 39.61
C VAL A 234 18.33 9.92 40.93
N ALA A 235 19.48 9.77 41.57
CA ALA A 235 19.72 10.39 42.86
C ALA A 235 21.22 10.64 43.05
N PRO A 236 21.57 11.56 43.95
CA PRO A 236 22.97 11.70 44.35
C PRO A 236 23.55 10.33 44.65
N GLU A 237 24.73 10.06 44.12
CA GLU A 237 25.39 8.79 44.35
C GLU A 237 25.23 8.37 45.82
N GLY A 238 24.83 7.13 46.04
CA GLY A 238 24.82 6.57 47.39
C GLY A 238 23.52 6.78 48.13
N THR A 239 22.64 7.63 47.58
CA THR A 239 21.31 7.84 48.16
C THR A 239 20.42 6.66 47.82
N PRO A 240 19.63 6.19 48.80
CA PRO A 240 18.76 5.04 48.61
C PRO A 240 17.74 5.16 47.47
N LYS A 241 17.50 4.06 46.78
CA LYS A 241 16.70 4.04 45.57
C LYS A 241 15.25 4.44 45.90
N GLU A 242 14.83 4.15 47.12
CA GLU A 242 13.47 4.44 47.56
C GLU A 242 13.28 5.95 47.79
N GLN A 243 14.39 6.68 47.86
CA GLN A 243 14.37 8.12 48.14
C GLN A 243 14.54 8.97 46.88
N SER A 244 14.59 8.33 45.72
CA SER A 244 14.99 9.00 44.49
C SER A 244 13.80 9.76 43.92
N ILE A 245 14.08 10.80 43.13
CA ILE A 245 13.06 11.29 42.21
C ILE A 245 12.95 10.30 41.07
N HIS A 246 11.73 10.13 40.55
CA HIS A 246 11.51 9.09 39.57
C HIS A 246 10.31 9.37 38.70
N SER A 247 10.33 8.71 37.54
CA SER A 247 9.18 8.58 36.68
C SER A 247 8.88 7.09 36.52
N ARG A 248 7.62 6.75 36.78
CA ARG A 248 7.08 5.45 36.45
C ARG A 248 6.42 5.57 35.09
N GLY A 249 6.99 4.89 34.11
CA GLY A 249 6.61 5.06 32.71
C GLY A 249 5.63 3.99 32.32
N THR A 250 4.46 4.43 31.84
CA THR A 250 3.49 3.53 31.24
C THR A 250 3.97 3.21 29.83
N HIS A 251 4.16 1.92 29.52
CA HIS A 251 4.50 1.52 28.17
C HIS A 251 3.69 0.31 27.80
N ILE A 252 2.53 0.55 27.19
CA ILE A 252 1.56 -0.50 26.97
C ILE A 252 1.28 -0.65 25.48
N LEU A 253 1.42 -1.87 24.96
CA LEU A 253 1.22 -2.12 23.53
C LEU A 253 -0.05 -2.93 23.33
N THR A 254 -0.73 -2.69 22.20
CA THR A 254 -1.90 -3.48 21.88
C THR A 254 -1.80 -3.81 20.41
N PRO A 255 -1.86 -5.10 20.07
CA PRO A 255 -1.77 -5.43 18.63
C PRO A 255 -2.94 -4.83 17.87
N GLU A 256 -2.66 -4.35 16.67
CA GLU A 256 -3.71 -3.92 15.75
C GLU A 256 -3.92 -4.98 14.69
N THR A 257 -2.92 -5.14 13.82
CA THR A 257 -2.84 -6.28 12.92
C THR A 257 -1.55 -7.07 13.27
N GLU A 258 -1.29 -8.14 12.54
CA GLU A 258 -0.08 -8.92 12.81
C GLU A 258 1.16 -8.06 12.72
N ALA A 259 1.14 -7.05 11.86
CA ALA A 259 2.34 -6.23 11.61
C ALA A 259 2.21 -4.77 12.01
N SER A 260 1.21 -4.46 12.82
CA SER A 260 1.05 -3.12 13.36
C SER A 260 0.51 -3.12 14.79
N CYS A 261 0.76 -2.04 15.53
CA CYS A 261 0.26 -1.96 16.91
C CYS A 261 0.01 -0.52 17.38
N HIS A 262 -0.68 -0.44 18.51
CA HIS A 262 -0.95 0.81 19.22
C HIS A 262 0.00 0.86 20.41
N TYR A 263 0.48 2.06 20.68
CA TYR A 263 1.46 2.28 21.73
C TYR A 263 0.90 3.39 22.61
N PHE A 264 0.59 3.04 23.85
CA PHE A 264 0.09 3.94 24.87
C PHE A 264 1.21 4.17 25.84
N PHE A 265 1.64 5.42 25.94
CA PHE A 265 2.79 5.74 26.75
C PHE A 265 2.45 6.86 27.73
N GLY A 266 3.18 6.87 28.81
CA GLY A 266 3.01 7.91 29.80
C GLY A 266 4.14 7.98 30.78
N SER A 267 4.24 9.12 31.45
CA SER A 267 5.18 9.30 32.56
C SER A 267 4.42 9.76 33.77
N SER A 268 4.57 9.07 34.90
CA SER A 268 3.99 9.44 36.17
C SER A 268 5.15 9.75 37.11
N ARG A 269 5.37 11.04 37.36
CA ARG A 269 6.56 11.49 38.08
C ARG A 269 6.23 12.00 39.50
N ASN A 270 7.18 11.83 40.42
CA ASN A 270 7.02 12.32 41.79
C ASN A 270 7.75 13.65 42.05
N PHE A 271 8.18 14.32 41.00
CA PHE A 271 8.96 15.55 41.11
C PHE A 271 8.42 16.61 40.14
N GLY A 272 8.61 17.88 40.50
CA GLY A 272 8.14 18.98 39.69
C GLY A 272 6.70 18.79 39.28
N ILE A 273 5.84 18.56 40.26
CA ILE A 273 4.50 18.07 40.00
C ILE A 273 3.61 19.17 39.41
N ASP A 274 3.89 20.41 39.77
CA ASP A 274 3.10 21.54 39.29
C ASP A 274 3.87 22.39 38.27
N ASP A 275 4.66 21.73 37.43
CA ASP A 275 5.70 22.41 36.64
C ASP A 275 5.48 22.16 35.14
N PRO A 276 4.91 23.14 34.44
CA PRO A 276 4.56 22.92 33.03
C PRO A 276 5.79 22.74 32.13
N GLU A 277 6.93 23.28 32.54
CA GLU A 277 8.13 23.15 31.72
C GLU A 277 8.69 21.72 31.81
N MET A 278 8.58 21.11 32.99
CA MET A 278 8.93 19.70 33.15
C MET A 278 7.94 18.81 32.36
N ASP A 279 6.66 19.18 32.38
CA ASP A 279 5.67 18.50 31.51
C ASP A 279 6.25 18.47 30.08
N GLY A 280 6.75 19.62 29.62
CA GLY A 280 7.19 19.79 28.23
C GLY A 280 8.43 18.96 27.94
N VAL A 281 9.32 18.88 28.91
CA VAL A 281 10.53 18.07 28.78
C VAL A 281 10.08 16.65 28.54
N LEU A 282 9.11 16.19 29.34
CA LEU A 282 8.67 14.79 29.26
C LEU A 282 7.91 14.48 27.99
N ARG A 283 6.99 15.36 27.61
CA ARG A 283 6.33 15.23 26.31
C ARG A 283 7.30 15.26 25.11
N SER A 284 8.31 16.13 25.16
CA SER A 284 9.35 16.15 24.14
C SER A 284 10.10 14.84 24.03
N TRP A 285 10.53 14.31 25.18
CA TRP A 285 11.15 12.97 25.22
C TRP A 285 10.22 11.97 24.56
N GLN A 286 8.95 11.97 24.93
CA GLN A 286 8.03 10.96 24.39
C GLN A 286 7.93 11.07 22.87
N ALA A 287 7.85 12.31 22.38
CA ALA A 287 7.73 12.60 20.94
C ALA A 287 8.95 12.16 20.16
N GLN A 288 10.13 12.44 20.70
CA GLN A 288 11.40 12.12 20.04
C GLN A 288 11.82 10.66 20.22
N ALA A 289 11.84 10.18 21.46
CA ALA A 289 12.33 8.81 21.75
C ALA A 289 11.37 7.72 21.31
N LEU A 290 10.11 7.85 21.70
CA LEU A 290 9.14 6.77 21.54
C LEU A 290 8.51 6.81 20.14
N VAL A 291 7.96 7.95 19.76
CA VAL A 291 7.13 8.04 18.56
C VAL A 291 8.00 8.20 17.32
N LYS A 292 9.23 8.69 17.48
CA LYS A 292 10.14 8.78 16.36
C LYS A 292 11.22 7.70 16.43
N GLU A 293 12.10 7.79 17.42
CA GLU A 293 13.38 7.03 17.33
C GLU A 293 13.14 5.51 17.43
N ASP A 294 12.33 5.09 18.41
CA ASP A 294 12.00 3.67 18.53
C ASP A 294 11.13 3.19 17.37
N LYS A 295 10.17 4.02 16.96
CA LYS A 295 9.42 3.73 15.75
C LYS A 295 10.34 3.40 14.58
N VAL A 296 11.33 4.25 14.32
CA VAL A 296 12.20 4.06 13.16
C VAL A 296 12.91 2.69 13.27
N VAL A 297 13.34 2.31 14.45
CA VAL A 297 14.09 1.06 14.59
C VAL A 297 13.16 -0.11 14.33
N VAL A 298 12.05 -0.16 15.05
CA VAL A 298 11.19 -1.33 15.01
C VAL A 298 10.43 -1.46 13.69
N GLU A 299 10.06 -0.34 13.07
CA GLU A 299 9.51 -0.41 11.72
C GLU A 299 10.50 -0.92 10.67
N ALA A 300 11.78 -0.56 10.79
CA ALA A 300 12.81 -1.12 9.93
C ALA A 300 13.00 -2.61 10.11
N ILE A 301 13.02 -3.05 11.36
CA ILE A 301 13.10 -4.47 11.68
C ILE A 301 11.91 -5.20 11.10
N GLU A 302 10.70 -4.63 11.20
CA GLU A 302 9.56 -5.30 10.62
C GLU A 302 9.74 -5.51 9.11
N ARG A 303 10.32 -4.52 8.44
CA ARG A 303 10.51 -4.58 6.99
C ARG A 303 11.51 -5.65 6.61
N ARG A 304 12.34 -6.06 7.57
CA ARG A 304 13.37 -7.08 7.32
C ARG A 304 12.85 -8.50 7.66
N ARG A 305 11.63 -8.59 8.18
CA ARG A 305 11.06 -9.87 8.59
C ARG A 305 11.00 -10.84 7.40
N ALA A 306 10.58 -10.35 6.25
CA ALA A 306 10.44 -11.22 5.07
C ALA A 306 11.77 -11.90 4.76
N TYR A 307 12.83 -11.12 4.75
CA TYR A 307 14.16 -11.66 4.44
C TYR A 307 14.63 -12.66 5.49
N VAL A 308 14.46 -12.28 6.75
CA VAL A 308 14.89 -13.10 7.88
C VAL A 308 14.24 -14.50 7.82
N GLU A 309 12.93 -14.50 7.58
CA GLU A 309 12.16 -15.71 7.55
C GLU A 309 12.55 -16.55 6.33
N ALA A 310 12.69 -15.90 5.17
CA ALA A 310 12.93 -16.64 3.95
C ALA A 310 14.30 -17.32 4.04
N ASN A 311 15.18 -16.73 4.85
CA ASN A 311 16.56 -17.21 4.93
C ASN A 311 16.94 -17.97 6.21
N GLY A 312 15.95 -18.27 7.04
CA GLY A 312 16.17 -19.14 8.18
C GLY A 312 16.97 -18.46 9.28
N ILE A 313 16.92 -17.13 9.31
CA ILE A 313 17.81 -16.36 10.17
C ILE A 313 17.21 -16.28 11.56
N ARG A 314 18.01 -16.59 12.58
CA ARG A 314 17.57 -16.48 13.97
C ARG A 314 18.43 -15.47 14.74
N PRO A 315 17.84 -14.82 15.76
CA PRO A 315 18.61 -13.78 16.46
C PRO A 315 19.75 -14.37 17.28
N ALA A 316 20.80 -13.58 17.44
CA ALA A 316 21.91 -13.96 18.31
C ALA A 316 21.85 -13.18 19.62
N MET A 317 21.87 -13.90 20.74
CA MET A 317 21.51 -13.23 21.99
C MET A 317 22.78 -12.76 22.69
N LEU A 318 22.63 -11.66 23.42
CA LEU A 318 23.68 -11.00 24.14
C LEU A 318 23.31 -11.01 25.62
N SER A 319 24.21 -10.53 26.47
CA SER A 319 24.04 -10.66 27.93
C SER A 319 22.85 -9.81 28.41
N CYS A 320 22.47 -8.81 27.61
CA CYS A 320 21.41 -7.88 27.98
C CYS A 320 20.01 -8.44 27.70
N ASP A 321 19.93 -9.67 27.17
CA ASP A 321 18.66 -10.12 26.61
C ASP A 321 17.74 -10.98 27.48
N GLU A 322 18.16 -11.34 28.70
CA GLU A 322 17.48 -12.39 29.46
C GLU A 322 16.01 -12.09 29.65
N ALA A 323 15.73 -10.88 30.11
CA ALA A 323 14.36 -10.51 30.44
C ALA A 323 13.47 -10.50 29.21
N ALA A 324 13.98 -9.96 28.10
CA ALA A 324 13.28 -9.90 26.87
C ALA A 324 13.00 -11.31 26.35
N VAL A 325 13.99 -12.19 26.46
CA VAL A 325 13.80 -13.55 26.00
C VAL A 325 12.74 -14.25 26.85
N ARG A 326 12.79 -14.06 28.17
CA ARG A 326 11.86 -14.74 29.08
C ARG A 326 10.41 -14.29 28.78
N VAL A 327 10.22 -13.00 28.61
CA VAL A 327 8.94 -12.45 28.16
C VAL A 327 8.46 -13.00 26.83
N SER A 328 9.34 -13.01 25.83
CA SER A 328 8.99 -13.53 24.52
C SER A 328 8.51 -14.98 24.65
N ARG A 329 9.23 -15.77 25.43
CA ARG A 329 8.87 -17.18 25.58
C ARG A 329 7.54 -17.36 26.33
N GLU A 330 7.23 -16.45 27.23
CA GLU A 330 5.94 -16.46 27.93
C GLU A 330 4.79 -16.07 27.01
N ILE A 331 5.00 -15.08 26.14
CA ILE A 331 3.95 -14.70 25.18
C ILE A 331 3.72 -15.86 24.21
N GLU A 332 4.82 -16.50 23.79
CA GLU A 332 4.72 -17.70 22.95
C GLU A 332 3.90 -18.79 23.58
N LYS A 333 4.16 -19.08 24.86
CA LYS A 333 3.38 -20.02 25.64
C LYS A 333 1.88 -19.72 25.69
N LEU A 334 1.54 -18.49 26.04
CA LEU A 334 0.17 -18.01 26.00
C LEU A 334 -0.52 -18.17 24.65
N GLU A 335 0.18 -17.86 23.57
CA GLU A 335 -0.37 -18.01 22.22
C GLU A 335 -0.72 -19.48 21.97
N GLN A 336 0.21 -20.36 22.37
CA GLN A 336 0.04 -21.79 22.13
C GLN A 336 -1.09 -22.40 22.97
N LEU A 337 -1.17 -22.03 24.25
CA LEU A 337 -2.28 -22.44 25.09
C LEU A 337 -3.61 -22.09 24.44
N GLU A 338 -3.72 -20.88 23.90
CA GLU A 338 -4.99 -20.43 23.37
C GLU A 338 -5.35 -21.11 22.04
N ALA A 339 -4.33 -21.51 21.28
CA ALA A 339 -4.55 -22.15 19.98
C ALA A 339 -5.27 -23.48 20.14
N ALA A 340 -5.59 -23.82 21.39
CA ALA A 340 -6.43 -24.97 21.69
C ALA A 340 -7.82 -24.52 22.18
N ARG A 341 -8.86 -24.84 21.40
CA ARG A 341 -9.00 -24.31 20.04
C ARG A 341 -10.12 -23.27 20.00
N ALA B 2 -11.24 -13.65 -8.48
CA ALA B 2 -12.52 -12.93 -8.77
C ALA B 2 -13.46 -13.84 -9.52
N THR B 3 -14.68 -13.97 -9.02
CA THR B 3 -15.76 -14.47 -9.85
C THR B 3 -16.63 -13.32 -10.36
N PHE B 4 -16.72 -13.24 -11.67
CA PHE B 4 -17.53 -12.26 -12.32
C PHE B 4 -18.45 -13.02 -13.25
N VAL B 5 -19.50 -12.37 -13.74
CA VAL B 5 -20.33 -12.93 -14.78
C VAL B 5 -19.85 -12.32 -16.09
N ARG B 6 -18.98 -13.02 -16.83
CA ARG B 6 -18.31 -12.41 -18.00
C ARG B 6 -19.22 -12.39 -19.23
N ASN B 7 -20.14 -13.34 -19.31
CA ASN B 7 -21.09 -13.41 -20.44
C ASN B 7 -22.31 -12.54 -20.24
N ALA B 8 -22.04 -11.24 -20.32
CA ALA B 8 -23.04 -10.19 -20.11
C ALA B 8 -22.48 -8.90 -20.70
N TRP B 9 -23.36 -7.96 -21.01
CA TRP B 9 -22.96 -6.63 -21.46
C TRP B 9 -22.75 -5.76 -20.21
N TYR B 10 -21.69 -4.95 -20.21
CA TYR B 10 -21.42 -3.99 -19.15
C TYR B 10 -21.19 -2.61 -19.75
N VAL B 11 -21.60 -1.56 -19.05
CA VAL B 11 -21.20 -0.21 -19.43
C VAL B 11 -19.74 -0.04 -19.10
N ALA B 12 -18.95 0.32 -20.13
CA ALA B 12 -17.52 0.53 -19.96
C ALA B 12 -17.19 2.04 -19.89
N ALA B 13 -18.06 2.87 -20.43
CA ALA B 13 -17.85 4.32 -20.47
C ALA B 13 -19.16 5.04 -20.85
N LEU B 14 -19.24 6.31 -20.49
CA LEU B 14 -20.20 7.22 -21.10
C LEU B 14 -19.61 7.71 -22.43
N PRO B 15 -20.47 7.91 -23.44
CA PRO B 15 -19.87 8.32 -24.71
C PRO B 15 -19.05 9.61 -24.61
N GLU B 16 -19.46 10.53 -23.74
CA GLU B 16 -18.79 11.81 -23.61
C GLU B 16 -17.37 11.63 -23.07
N GLU B 17 -17.11 10.47 -22.50
CA GLU B 17 -15.75 10.16 -21.99
C GLU B 17 -14.79 9.81 -23.10
N LEU B 18 -15.32 9.45 -24.29
CA LEU B 18 -14.48 8.90 -25.36
C LEU B 18 -14.24 9.92 -26.46
N SER B 19 -13.09 9.78 -27.10
CA SER B 19 -12.61 10.68 -28.12
C SER B 19 -11.57 9.92 -28.95
N GLU B 20 -10.90 10.65 -29.83
CA GLU B 20 -9.80 10.06 -30.58
C GLU B 20 -8.60 9.80 -29.68
N LYS B 21 -8.63 10.38 -28.47
CA LYS B 21 -7.66 10.07 -27.41
C LYS B 21 -8.20 8.93 -26.59
N PRO B 22 -7.51 7.79 -26.66
CA PRO B 22 -8.04 6.62 -25.97
C PRO B 22 -8.15 6.82 -24.46
N LEU B 23 -9.11 6.12 -23.90
CA LEU B 23 -9.28 5.98 -22.47
C LEU B 23 -8.93 4.56 -22.06
N GLY B 24 -8.05 4.42 -21.09
CA GLY B 24 -7.79 3.09 -20.52
C GLY B 24 -8.63 2.85 -19.27
N ARG B 25 -9.38 1.77 -19.29
CA ARG B 25 -10.23 1.41 -18.19
C ARG B 25 -10.29 -0.11 -18.11
N THR B 26 -10.22 -0.61 -16.88
CA THR B 26 -10.29 -2.05 -16.62
C THR B 26 -11.73 -2.44 -16.24
N ILE B 27 -12.26 -3.46 -16.91
CA ILE B 27 -13.54 -4.06 -16.55
C ILE B 27 -13.40 -5.54 -16.36
N LEU B 28 -13.90 -6.02 -15.22
CA LEU B 28 -13.82 -7.45 -14.91
C LEU B 28 -12.37 -7.92 -15.07
N ASP B 29 -11.46 -7.15 -14.49
CA ASP B 29 -10.00 -7.44 -14.46
C ASP B 29 -9.35 -7.54 -15.84
N THR B 30 -10.01 -6.94 -16.80
CA THR B 30 -9.55 -6.92 -18.19
C THR B 30 -9.31 -5.48 -18.61
N PRO B 31 -8.06 -5.11 -18.88
CA PRO B 31 -7.76 -3.75 -19.26
C PRO B 31 -8.11 -3.42 -20.69
N LEU B 32 -8.89 -2.35 -20.88
CA LEU B 32 -9.39 -1.97 -22.20
C LEU B 32 -8.83 -0.63 -22.64
N ALA B 33 -8.64 -0.49 -23.94
CA ALA B 33 -8.36 0.78 -24.61
C ALA B 33 -9.61 1.14 -25.44
N LEU B 34 -10.31 2.17 -24.99
CA LEU B 34 -11.57 2.59 -25.60
C LEU B 34 -11.36 3.90 -26.34
N TYR B 35 -11.77 3.95 -27.60
CA TYR B 35 -11.66 5.20 -28.34
C TYR B 35 -12.71 5.26 -29.46
N ARG B 36 -12.93 6.47 -29.94
CA ARG B 36 -13.85 6.72 -31.04
C ARG B 36 -13.04 6.92 -32.31
N GLN B 37 -13.35 6.15 -33.34
CA GLN B 37 -12.69 6.30 -34.63
C GLN B 37 -13.18 7.52 -35.38
N PRO B 38 -12.46 7.91 -36.44
CA PRO B 38 -12.94 9.06 -37.19
C PRO B 38 -14.37 8.95 -37.75
N ASP B 39 -14.83 7.75 -38.08
CA ASP B 39 -16.20 7.58 -38.57
C ASP B 39 -17.22 7.53 -37.44
N GLY B 40 -16.73 7.67 -36.20
CA GLY B 40 -17.59 7.91 -35.04
C GLY B 40 -17.88 6.61 -34.29
N VAL B 41 -17.38 5.51 -34.82
CA VAL B 41 -17.61 4.20 -34.23
C VAL B 41 -16.61 3.97 -33.12
N VAL B 42 -17.10 3.50 -31.99
CA VAL B 42 -16.25 3.21 -30.85
C VAL B 42 -15.63 1.82 -31.02
N ALA B 43 -14.34 1.72 -30.66
CA ALA B 43 -13.59 0.48 -30.59
C ALA B 43 -13.12 0.21 -29.17
N ALA B 44 -13.01 -1.07 -28.82
CA ALA B 44 -12.53 -1.51 -27.51
C ALA B 44 -11.51 -2.61 -27.69
N LEU B 45 -10.24 -2.31 -27.46
CA LEU B 45 -9.19 -3.28 -27.65
C LEU B 45 -8.60 -3.65 -26.31
N LEU B 46 -8.09 -4.86 -26.21
CA LEU B 46 -7.30 -5.28 -25.03
C LEU B 46 -6.10 -4.34 -24.93
N ASP B 47 -5.91 -3.73 -23.76
CA ASP B 47 -4.95 -2.62 -23.59
C ASP B 47 -3.55 -3.19 -23.30
N ILE B 48 -3.16 -4.14 -24.16
CA ILE B 48 -1.92 -4.87 -24.03
C ILE B 48 -1.40 -5.12 -25.44
N CYS B 49 -0.41 -4.35 -25.87
CA CYS B 49 0.12 -4.51 -27.23
C CYS B 49 0.66 -5.94 -27.36
N PRO B 50 0.29 -6.64 -28.45
CA PRO B 50 0.81 -7.98 -28.65
C PRO B 50 2.32 -8.12 -28.80
N HIS B 51 3.02 -7.02 -29.06
CA HIS B 51 4.46 -7.07 -29.24
C HIS B 51 5.13 -7.27 -27.85
N ARG B 52 5.15 -6.22 -27.03
CA ARG B 52 5.80 -6.24 -25.72
C ARG B 52 4.91 -5.70 -24.58
N PHE B 53 3.61 -5.60 -24.84
CA PHE B 53 2.58 -5.51 -23.78
C PHE B 53 2.34 -4.06 -23.31
N ALA B 54 2.83 -3.11 -24.09
CA ALA B 54 2.60 -1.69 -23.79
C ALA B 54 1.10 -1.33 -23.80
N PRO B 55 0.75 -0.28 -23.04
CA PRO B 55 -0.62 0.24 -23.03
C PRO B 55 -0.91 0.92 -24.33
N LEU B 56 -1.71 0.27 -25.16
CA LEU B 56 -2.24 0.93 -26.33
C LEU B 56 -3.01 2.21 -26.04
N SER B 57 -3.63 2.27 -24.86
CA SER B 57 -4.42 3.43 -24.44
C SER B 57 -3.57 4.67 -24.24
N ASP B 58 -2.26 4.50 -24.18
CA ASP B 58 -1.35 5.63 -24.08
C ASP B 58 -0.86 6.14 -25.45
N GLY B 59 -1.40 5.56 -26.51
CA GLY B 59 -1.06 5.95 -27.87
C GLY B 59 -2.07 6.93 -28.46
N ILE B 60 -1.87 7.25 -29.75
CA ILE B 60 -2.76 8.12 -30.46
C ILE B 60 -3.23 7.44 -31.75
N LEU B 61 -4.24 8.02 -32.39
CA LEU B 61 -4.70 7.53 -33.70
C LEU B 61 -3.84 8.11 -34.80
N VAL B 62 -3.44 7.25 -35.71
CA VAL B 62 -2.82 7.66 -36.95
C VAL B 62 -3.71 7.11 -38.09
N ASN B 63 -4.26 7.99 -38.92
CA ASN B 63 -5.23 7.60 -39.94
C ASN B 63 -6.29 6.70 -39.37
N GLY B 64 -6.80 7.06 -38.20
CA GLY B 64 -7.94 6.38 -37.59
C GLY B 64 -7.62 5.07 -36.94
N HIS B 65 -6.32 4.75 -36.88
CA HIS B 65 -5.84 3.51 -36.31
C HIS B 65 -5.03 3.78 -35.07
N LEU B 66 -5.29 3.02 -34.02
CA LEU B 66 -4.59 3.21 -32.73
C LEU B 66 -3.15 2.74 -32.85
N GLN B 67 -2.22 3.65 -32.59
CA GLN B 67 -0.81 3.35 -32.66
C GLN B 67 -0.20 3.10 -31.27
N CYS B 68 0.47 1.96 -31.11
CA CYS B 68 1.13 1.65 -29.86
C CYS B 68 2.22 2.71 -29.62
N PRO B 69 2.29 3.26 -28.40
CA PRO B 69 3.28 4.33 -28.13
C PRO B 69 4.69 3.85 -28.04
N TYR B 70 4.89 2.54 -27.91
CA TYR B 70 6.23 2.01 -27.68
C TYR B 70 7.03 1.82 -28.97
N HIS B 71 6.58 0.97 -29.89
CA HIS B 71 7.30 0.79 -31.15
C HIS B 71 6.37 0.91 -32.34
N GLY B 72 5.18 1.44 -32.12
CA GLY B 72 4.41 2.00 -33.25
C GLY B 72 3.67 1.03 -34.17
N LEU B 73 3.39 -0.20 -33.71
CA LEU B 73 2.39 -1.04 -34.38
C LEU B 73 1.07 -0.28 -34.36
N GLU B 74 0.30 -0.44 -35.43
CA GLU B 74 -1.02 0.22 -35.55
C GLU B 74 -2.10 -0.84 -35.73
N PHE B 75 -3.26 -0.54 -35.17
CA PHE B 75 -4.36 -1.51 -35.12
C PHE B 75 -5.65 -0.86 -35.60
N ASP B 76 -6.47 -1.65 -36.26
CA ASP B 76 -7.79 -1.17 -36.63
C ASP B 76 -8.77 -1.57 -35.52
N GLY B 77 -10.05 -1.23 -35.69
CA GLY B 77 -11.00 -1.34 -34.57
C GLY B 77 -11.39 -2.79 -34.29
N GLY B 78 -11.07 -3.67 -35.23
CA GLY B 78 -11.27 -5.11 -35.07
C GLY B 78 -10.06 -5.79 -34.45
N GLY B 79 -9.03 -5.01 -34.13
CA GLY B 79 -7.80 -5.50 -33.49
C GLY B 79 -6.75 -5.96 -34.48
N GLN B 80 -7.04 -5.86 -35.77
CA GLN B 80 -6.10 -6.31 -36.78
C GLN B 80 -4.90 -5.39 -36.78
N CYS B 81 -3.68 -5.95 -36.73
CA CYS B 81 -2.49 -5.13 -36.98
C CYS B 81 -2.45 -4.65 -38.44
N VAL B 82 -2.44 -3.32 -38.62
CA VAL B 82 -2.46 -2.73 -39.94
C VAL B 82 -1.16 -2.06 -40.36
N HIS B 83 -0.20 -1.96 -39.46
CA HIS B 83 1.10 -1.43 -39.82
C HIS B 83 2.16 -1.89 -38.84
N ASN B 84 3.27 -2.33 -39.41
CA ASN B 84 4.45 -2.66 -38.62
C ASN B 84 5.62 -1.86 -39.24
N PRO B 85 6.08 -0.81 -38.57
CA PRO B 85 7.11 -0.01 -39.16
C PRO B 85 8.50 -0.64 -39.18
N HIS B 86 8.61 -1.93 -38.84
CA HIS B 86 9.93 -2.56 -38.60
C HIS B 86 10.31 -3.63 -39.61
N GLY B 87 11.57 -3.58 -40.05
CA GLY B 87 12.12 -4.64 -40.89
C GLY B 87 11.31 -4.69 -42.16
N ASN B 88 10.90 -5.89 -42.58
CA ASN B 88 10.13 -6.04 -43.82
C ASN B 88 8.70 -5.50 -43.69
N GLY B 89 8.32 -5.07 -42.50
CA GLY B 89 6.96 -4.56 -42.29
C GLY B 89 5.92 -5.67 -42.28
N ALA B 90 6.38 -6.93 -42.17
CA ALA B 90 5.47 -8.07 -42.09
C ALA B 90 4.47 -7.97 -40.94
N ARG B 91 3.24 -8.39 -41.21
CA ARG B 91 2.19 -8.39 -40.18
C ARG B 91 1.59 -9.79 -39.99
N PRO B 92 2.32 -10.68 -39.35
CA PRO B 92 1.81 -12.01 -39.04
C PRO B 92 0.62 -11.92 -38.09
N ALA B 93 -0.20 -12.96 -38.06
CA ALA B 93 -1.48 -12.91 -37.34
C ALA B 93 -1.25 -12.76 -35.85
N SER B 94 -0.05 -13.14 -35.42
CA SER B 94 0.34 -13.04 -34.03
C SER B 94 0.41 -11.60 -33.55
N LEU B 95 0.40 -10.63 -34.47
CA LEU B 95 0.43 -9.23 -34.09
C LEU B 95 -0.95 -8.63 -33.84
N ASN B 96 -2.00 -9.38 -34.12
CA ASN B 96 -3.33 -8.87 -33.90
C ASN B 96 -3.66 -8.84 -32.39
N VAL B 97 -4.47 -7.86 -31.98
CA VAL B 97 -4.88 -7.72 -30.60
C VAL B 97 -6.37 -8.03 -30.44
N ARG B 98 -6.77 -8.54 -29.30
CA ARG B 98 -8.18 -8.78 -29.00
C ARG B 98 -9.01 -7.52 -29.10
N SER B 99 -10.14 -7.62 -29.82
CA SER B 99 -11.11 -6.53 -29.89
C SER B 99 -12.44 -7.02 -29.37
N PHE B 100 -13.07 -6.23 -28.49
CA PHE B 100 -14.27 -6.68 -27.78
C PHE B 100 -15.53 -6.18 -28.48
N PRO B 101 -16.62 -6.98 -28.43
CA PRO B 101 -17.87 -6.46 -28.95
C PRO B 101 -18.32 -5.20 -28.21
N VAL B 102 -18.73 -4.18 -28.96
CA VAL B 102 -19.10 -2.88 -28.40
C VAL B 102 -20.41 -2.48 -29.03
N VAL B 103 -21.30 -1.91 -28.24
CA VAL B 103 -22.57 -1.36 -28.74
C VAL B 103 -22.77 -0.02 -28.03
N GLU B 104 -22.86 1.05 -28.83
CA GLU B 104 -23.24 2.36 -28.33
C GLU B 104 -24.75 2.56 -28.48
N ARG B 105 -25.42 2.70 -27.34
CA ARG B 105 -26.88 2.70 -27.30
C ARG B 105 -27.29 3.46 -26.04
N ASP B 106 -28.32 4.30 -26.17
CA ASP B 106 -28.92 4.94 -25.01
C ASP B 106 -27.89 5.83 -24.29
N ALA B 107 -26.99 6.42 -25.08
CA ALA B 107 -25.96 7.27 -24.55
C ALA B 107 -25.12 6.50 -23.51
N LEU B 108 -24.86 5.23 -23.82
CA LEU B 108 -23.99 4.35 -23.02
C LEU B 108 -23.11 3.57 -23.98
N ILE B 109 -21.91 3.24 -23.53
CA ILE B 109 -21.02 2.34 -24.26
C ILE B 109 -21.01 0.98 -23.58
N TRP B 110 -21.68 0.00 -24.21
CA TRP B 110 -21.78 -1.36 -23.70
C TRP B 110 -20.72 -2.26 -24.32
N ILE B 111 -20.09 -3.09 -23.50
CA ILE B 111 -19.04 -3.99 -23.97
C ILE B 111 -19.30 -5.39 -23.45
N TRP B 112 -19.00 -6.38 -24.28
CA TRP B 112 -19.15 -7.77 -23.88
C TRP B 112 -17.78 -8.38 -23.60
N PRO B 113 -17.44 -8.60 -22.32
CA PRO B 113 -16.10 -9.12 -22.02
C PRO B 113 -15.94 -10.64 -22.00
N GLY B 114 -17.02 -11.36 -22.30
CA GLY B 114 -17.04 -12.81 -22.21
C GLY B 114 -16.82 -13.48 -23.56
N ASP B 115 -17.39 -14.66 -23.70
CA ASP B 115 -17.25 -15.48 -24.92
C ASP B 115 -17.84 -14.70 -26.09
N PRO B 116 -16.99 -14.30 -27.04
CA PRO B 116 -17.49 -13.41 -28.09
C PRO B 116 -18.53 -14.06 -28.98
N ALA B 117 -18.55 -15.37 -29.06
CA ALA B 117 -19.53 -16.05 -29.88
C ALA B 117 -20.94 -15.76 -29.37
N LEU B 118 -21.05 -15.31 -28.12
CA LEU B 118 -22.33 -15.32 -27.40
C LEU B 118 -22.94 -13.94 -27.25
N ALA B 119 -22.27 -12.92 -27.77
CA ALA B 119 -22.64 -11.52 -27.52
C ALA B 119 -23.83 -11.07 -28.38
N ASP B 120 -25.01 -11.02 -27.80
CA ASP B 120 -26.22 -10.68 -28.54
C ASP B 120 -26.68 -9.28 -28.15
N PRO B 121 -26.57 -8.32 -29.06
CA PRO B 121 -26.88 -6.93 -28.69
C PRO B 121 -28.34 -6.75 -28.26
N GLY B 122 -29.19 -7.70 -28.61
CA GLY B 122 -30.59 -7.62 -28.28
C GLY B 122 -30.82 -7.77 -26.79
N ALA B 123 -29.79 -8.20 -26.06
CA ALA B 123 -29.88 -8.49 -24.64
C ALA B 123 -29.51 -7.28 -23.78
N ILE B 124 -29.07 -6.20 -24.42
CA ILE B 124 -28.72 -4.97 -23.72
C ILE B 124 -30.00 -4.40 -23.13
N PRO B 125 -30.00 -4.08 -21.84
CA PRO B 125 -31.17 -3.46 -21.21
C PRO B 125 -31.54 -2.07 -21.75
N ASP B 126 -32.81 -1.73 -21.60
CA ASP B 126 -33.36 -0.53 -22.21
C ASP B 126 -33.22 0.68 -21.30
N PHE B 127 -32.42 1.65 -21.73
CA PHE B 127 -32.29 2.91 -21.02
C PHE B 127 -32.68 4.07 -21.93
N GLY B 128 -33.76 3.88 -22.70
CA GLY B 128 -34.17 4.81 -23.76
C GLY B 128 -34.42 6.25 -23.30
N CYS B 129 -34.73 6.44 -22.03
CA CYS B 129 -35.03 7.79 -21.51
C CYS B 129 -33.83 8.71 -21.70
N ARG B 130 -32.64 8.10 -21.74
CA ARG B 130 -31.35 8.81 -21.83
C ARG B 130 -31.16 9.52 -23.16
N VAL B 131 -31.92 9.07 -24.16
CA VAL B 131 -31.87 9.66 -25.49
C VAL B 131 -33.28 10.12 -25.96
N ASP B 132 -34.22 10.25 -25.01
CA ASP B 132 -35.55 10.81 -25.30
C ASP B 132 -35.55 12.33 -25.16
N PRO B 133 -35.91 13.05 -26.24
CA PRO B 133 -36.02 14.53 -26.28
C PRO B 133 -36.95 15.14 -25.22
N ALA B 134 -37.91 14.36 -24.73
CA ALA B 134 -38.80 14.80 -23.68
C ALA B 134 -38.13 14.80 -22.30
N TYR B 135 -36.95 14.20 -22.21
CA TYR B 135 -36.24 14.10 -20.95
C TYR B 135 -34.93 14.89 -21.02
N ARG B 136 -34.55 15.50 -19.90
CA ARG B 136 -33.24 16.15 -19.75
C ARG B 136 -32.33 15.29 -18.87
N THR B 137 -31.18 14.90 -19.43
CA THR B 137 -30.29 13.94 -18.78
C THR B 137 -28.99 14.60 -18.38
N VAL B 138 -28.67 14.51 -17.09
CA VAL B 138 -27.38 14.89 -16.56
C VAL B 138 -26.78 13.76 -15.72
N GLY B 139 -25.46 13.59 -15.82
CA GLY B 139 -24.82 12.57 -15.02
C GLY B 139 -23.34 12.52 -15.22
N GLY B 140 -22.77 11.38 -14.86
CA GLY B 140 -21.34 11.19 -14.97
C GLY B 140 -20.84 9.88 -14.40
N TYR B 141 -19.57 9.89 -14.04
CA TYR B 141 -18.86 8.68 -13.70
C TYR B 141 -18.31 8.87 -12.29
N GLY B 142 -18.35 7.81 -11.48
CA GLY B 142 -17.48 7.68 -10.30
C GLY B 142 -16.79 6.32 -10.12
N HIS B 143 -15.61 6.35 -9.53
CA HIS B 143 -14.91 5.13 -9.16
C HIS B 143 -15.12 4.82 -7.65
N VAL B 144 -15.37 3.55 -7.31
CA VAL B 144 -15.65 3.15 -5.91
C VAL B 144 -14.87 1.91 -5.50
N ASP B 145 -14.20 2.00 -4.34
CA ASP B 145 -13.37 0.92 -3.83
C ASP B 145 -14.24 -0.08 -3.04
N CYS B 146 -15.26 -0.60 -3.72
CA CYS B 146 -16.00 -1.72 -3.20
C CYS B 146 -16.30 -2.74 -4.29
N ASN B 147 -16.55 -3.97 -3.88
CA ASN B 147 -17.20 -4.90 -4.75
C ASN B 147 -18.54 -4.37 -5.25
N TYR B 148 -18.78 -4.53 -6.55
CA TYR B 148 -19.97 -3.96 -7.18
C TYR B 148 -21.27 -4.39 -6.52
N LYS B 149 -21.29 -5.61 -6.01
CA LYS B 149 -22.51 -6.13 -5.40
C LYS B 149 -22.96 -5.31 -4.17
N LEU B 150 -22.02 -4.65 -3.51
CA LEU B 150 -22.36 -3.74 -2.39
C LEU B 150 -23.11 -2.49 -2.86
N LEU B 151 -22.78 -1.97 -4.03
CA LEU B 151 -23.53 -0.85 -4.57
C LEU B 151 -24.85 -1.28 -5.21
N VAL B 152 -24.93 -2.49 -5.75
CA VAL B 152 -26.23 -3.06 -6.08
C VAL B 152 -27.15 -3.12 -4.85
N ASP B 153 -26.64 -3.69 -3.76
CA ASP B 153 -27.38 -3.69 -2.49
C ASP B 153 -27.87 -2.30 -2.10
N ASN B 154 -26.96 -1.33 -2.18
CA ASN B 154 -27.24 0.04 -1.76
C ASN B 154 -28.47 0.55 -2.55
N LEU B 155 -28.42 0.39 -3.86
CA LEU B 155 -29.46 0.89 -4.77
C LEU B 155 -30.77 0.12 -4.65
N MET B 156 -30.71 -1.19 -4.44
CA MET B 156 -31.94 -1.98 -4.35
C MET B 156 -32.71 -1.78 -3.02
N ASP B 157 -32.07 -1.15 -2.05
CA ASP B 157 -32.80 -0.65 -0.89
C ASP B 157 -32.58 0.83 -0.75
N LEU B 158 -33.46 1.57 -1.41
CA LEU B 158 -33.34 3.03 -1.49
C LEU B 158 -33.81 3.69 -0.20
N GLY B 159 -34.37 2.89 0.72
CA GLY B 159 -34.60 3.33 2.11
C GLY B 159 -33.38 3.91 2.82
N HIS B 160 -32.16 3.50 2.45
CA HIS B 160 -30.97 4.01 3.16
C HIS B 160 -30.89 5.52 3.06
N ALA B 161 -31.55 6.08 2.05
CA ALA B 161 -31.47 7.53 1.80
C ALA B 161 -32.00 8.32 2.98
N GLN B 162 -32.91 7.71 3.75
CA GLN B 162 -33.42 8.25 5.02
C GLN B 162 -32.31 8.61 6.01
N TYR B 163 -31.19 7.89 5.95
CA TYR B 163 -30.10 8.07 6.92
C TYR B 163 -28.82 8.51 6.24
N VAL B 164 -28.33 7.70 5.30
CA VAL B 164 -27.15 8.09 4.54
C VAL B 164 -27.32 9.46 3.91
N HIS B 165 -28.52 9.77 3.44
CA HIS B 165 -28.73 11.04 2.75
C HIS B 165 -29.73 11.93 3.49
N ARG B 166 -29.73 11.89 4.82
CA ARG B 166 -30.78 12.52 5.63
C ARG B 166 -30.95 14.03 5.40
N ALA B 167 -29.85 14.73 5.10
CA ALA B 167 -29.93 16.17 4.92
C ALA B 167 -30.77 16.53 3.71
N ASN B 168 -30.80 15.64 2.73
CA ASN B 168 -31.53 15.85 1.47
C ASN B 168 -32.81 15.05 1.42
N ALA B 169 -32.81 13.86 2.02
CA ALA B 169 -33.80 12.85 1.66
C ALA B 169 -34.72 12.47 2.81
N GLN B 170 -34.46 12.99 4.00
CA GLN B 170 -35.27 12.60 5.16
C GLN B 170 -36.72 12.92 4.85
N THR B 171 -37.64 12.06 5.34
CA THR B 171 -39.07 12.41 5.38
C THR B 171 -39.81 11.72 6.55
N ASP B 172 -40.76 12.42 7.16
CA ASP B 172 -41.49 11.87 8.30
C ASP B 172 -42.51 10.80 7.89
N ALA B 173 -42.83 10.75 6.60
CA ALA B 173 -43.74 9.73 6.06
C ALA B 173 -43.08 8.35 5.95
N PHE B 174 -41.76 8.30 6.15
CA PHE B 174 -41.03 7.03 6.18
C PHE B 174 -41.71 6.02 7.10
N ASP B 175 -42.31 6.52 8.17
CA ASP B 175 -43.20 5.74 9.06
C ASP B 175 -44.08 4.79 8.27
N ARG B 176 -44.51 5.25 7.09
CA ARG B 176 -45.79 4.84 6.51
C ARG B 176 -45.49 4.40 5.09
N LEU B 177 -44.19 4.34 4.81
CA LEU B 177 -43.65 3.50 3.78
C LEU B 177 -44.56 2.33 3.44
N GLU B 178 -44.86 2.21 2.16
CA GLU B 178 -45.49 1.02 1.60
C GLU B 178 -44.55 0.43 0.55
N ARG B 179 -44.20 -0.84 0.72
CA ARG B 179 -43.23 -1.51 -0.15
C ARG B 179 -43.93 -2.50 -1.06
N GLU B 180 -43.24 -2.93 -2.11
CA GLU B 180 -43.77 -3.88 -3.07
C GLU B 180 -42.65 -4.33 -4.00
N VAL B 181 -42.51 -5.65 -4.17
CA VAL B 181 -41.47 -6.16 -5.05
C VAL B 181 -42.15 -6.93 -6.17
N ILE B 182 -41.73 -6.66 -7.41
CA ILE B 182 -42.20 -7.39 -8.57
C ILE B 182 -41.04 -8.20 -9.13
N VAL B 183 -41.22 -9.49 -9.28
CA VAL B 183 -40.15 -10.25 -9.91
C VAL B 183 -40.57 -10.69 -11.30
N GLY B 184 -39.69 -10.45 -12.27
CA GLY B 184 -39.90 -10.90 -13.62
C GLY B 184 -38.66 -11.60 -14.10
N ASP B 185 -38.60 -11.82 -15.40
CA ASP B 185 -37.55 -12.64 -15.97
C ASP B 185 -36.29 -11.80 -16.14
N GLY B 186 -35.31 -12.00 -15.26
CA GLY B 186 -34.04 -11.26 -15.32
C GLY B 186 -34.25 -9.80 -14.98
N GLU B 187 -35.37 -9.53 -14.33
CA GLU B 187 -35.75 -8.20 -13.91
C GLU B 187 -36.47 -8.29 -12.57
N ILE B 188 -36.13 -7.38 -11.65
CA ILE B 188 -36.78 -7.29 -10.34
C ILE B 188 -37.01 -5.80 -10.08
N GLN B 189 -38.18 -5.45 -9.57
CA GLN B 189 -38.43 -4.06 -9.16
C GLN B 189 -38.80 -3.97 -7.68
N ALA B 190 -38.18 -3.02 -6.99
CA ALA B 190 -38.61 -2.67 -5.66
C ALA B 190 -39.37 -1.37 -5.74
N LEU B 191 -40.60 -1.38 -5.22
CA LEU B 191 -41.40 -0.18 -5.16
C LEU B 191 -41.53 0.31 -3.72
N MET B 192 -41.40 1.61 -3.52
CA MET B 192 -41.71 2.27 -2.26
C MET B 192 -42.65 3.43 -2.54
N LYS B 193 -43.71 3.54 -1.74
CA LYS B 193 -44.56 4.72 -1.74
C LYS B 193 -44.56 5.42 -0.38
N ILE B 194 -44.40 6.73 -0.42
CA ILE B 194 -44.26 7.52 0.78
C ILE B 194 -45.40 8.54 0.78
N PRO B 195 -46.58 8.13 1.27
CA PRO B 195 -47.82 8.84 1.02
C PRO B 195 -48.03 10.03 1.96
N GLY B 196 -48.56 11.12 1.43
CA GLY B 196 -49.27 12.11 2.26
C GLY B 196 -48.33 13.05 2.98
N GLY B 197 -47.06 12.64 3.08
CA GLY B 197 -46.10 13.35 3.92
C GLY B 197 -45.77 14.74 3.39
N THR B 198 -44.88 15.44 4.09
CA THR B 198 -44.34 16.67 3.54
C THR B 198 -43.09 16.35 2.73
N PRO B 199 -42.78 17.17 1.72
CA PRO B 199 -41.65 16.82 0.86
C PRO B 199 -40.28 16.92 1.56
N SER B 200 -39.41 15.95 1.28
CA SER B 200 -38.00 16.08 1.62
C SER B 200 -37.39 17.36 1.04
N VAL B 201 -36.23 17.73 1.57
CA VAL B 201 -35.52 18.92 1.10
C VAL B 201 -35.37 18.86 -0.43
N LEU B 202 -34.99 17.69 -0.94
CA LEU B 202 -34.77 17.54 -2.38
C LEU B 202 -36.07 17.54 -3.19
N MET B 203 -37.11 16.88 -2.69
CA MET B 203 -38.41 16.85 -3.40
C MET B 203 -39.00 18.26 -3.48
N ALA B 204 -38.72 19.07 -2.47
CA ALA B 204 -39.21 20.44 -2.46
C ALA B 204 -38.49 21.29 -3.51
N LYS B 205 -37.22 21.00 -3.74
CA LYS B 205 -36.50 21.58 -4.88
C LYS B 205 -37.06 21.09 -6.23
N PHE B 206 -37.50 19.83 -6.29
CA PHE B 206 -38.06 19.27 -7.53
C PHE B 206 -39.20 20.13 -8.08
N PRO B 213 -48.66 19.26 1.16
CA PRO B 213 -48.74 17.81 1.31
C PRO B 213 -48.62 17.08 -0.04
N VAL B 214 -47.65 16.18 -0.15
CA VAL B 214 -47.38 15.45 -1.40
C VAL B 214 -47.35 13.93 -1.20
N ASP B 215 -47.62 13.17 -2.28
CA ASP B 215 -47.21 11.76 -2.37
C ASP B 215 -45.89 11.63 -3.12
N ALA B 216 -45.06 10.68 -2.72
CA ALA B 216 -43.78 10.42 -3.38
C ALA B 216 -43.58 8.93 -3.65
N TRP B 217 -42.89 8.63 -4.76
CA TRP B 217 -42.59 7.26 -5.16
C TRP B 217 -41.08 7.16 -5.41
N ASN B 218 -40.41 6.19 -4.77
CA ASN B 218 -39.04 5.79 -5.16
C ASN B 218 -39.05 4.32 -5.58
N ASP B 219 -39.04 4.08 -6.89
CA ASP B 219 -39.04 2.71 -7.43
C ASP B 219 -37.71 2.45 -8.07
N ILE B 220 -37.26 1.19 -8.03
CA ILE B 220 -36.05 0.81 -8.76
C ILE B 220 -36.18 -0.51 -9.50
N ARG B 221 -35.72 -0.50 -10.75
CA ARG B 221 -35.71 -1.68 -11.62
C ARG B 221 -34.30 -2.16 -11.83
N TRP B 222 -34.11 -3.44 -11.57
CA TRP B 222 -32.83 -4.10 -11.81
C TRP B 222 -33.00 -5.03 -13.02
N ASN B 223 -32.05 -4.98 -13.94
CA ASN B 223 -31.78 -6.06 -14.89
C ASN B 223 -30.39 -6.62 -14.72
N LYS B 224 -30.24 -7.93 -14.91
CA LYS B 224 -28.93 -8.54 -14.84
C LYS B 224 -27.98 -7.85 -15.82
N VAL B 225 -26.69 -7.76 -15.49
CA VAL B 225 -26.16 -8.19 -14.19
C VAL B 225 -26.28 -7.13 -13.09
N SER B 226 -26.01 -5.89 -13.44
CA SER B 226 -25.95 -4.84 -12.44
C SER B 226 -26.33 -3.49 -13.01
N ALA B 227 -27.45 -3.47 -13.73
CA ALA B 227 -27.93 -2.29 -14.43
C ALA B 227 -29.30 -1.91 -13.88
N MET B 228 -29.39 -0.71 -13.31
CA MET B 228 -30.62 -0.31 -12.65
C MET B 228 -31.09 1.04 -13.15
N LEU B 229 -32.41 1.18 -13.21
CA LEU B 229 -33.05 2.43 -13.54
C LEU B 229 -34.08 2.67 -12.45
N ASN B 230 -33.96 3.78 -11.73
CA ASN B 230 -34.93 4.09 -10.70
C ASN B 230 -35.95 5.09 -11.21
N PHE B 231 -36.99 5.31 -10.41
CA PHE B 231 -38.05 6.24 -10.74
C PHE B 231 -38.31 7.04 -9.46
N ILE B 232 -37.91 8.29 -9.45
CA ILE B 232 -38.05 9.11 -8.27
C ILE B 232 -39.07 10.17 -8.64
N ALA B 233 -40.21 10.19 -7.94
CA ALA B 233 -41.34 11.01 -8.34
C ALA B 233 -41.99 11.68 -7.12
N VAL B 234 -42.49 12.90 -7.32
CA VAL B 234 -43.21 13.58 -6.25
C VAL B 234 -44.31 14.44 -6.83
N ALA B 235 -45.39 14.61 -6.09
CA ALA B 235 -46.61 15.15 -6.67
C ALA B 235 -47.55 15.56 -5.54
N PRO B 236 -48.48 16.48 -5.83
CA PRO B 236 -49.50 16.73 -4.83
C PRO B 236 -50.10 15.42 -4.30
N GLU B 237 -50.44 15.41 -2.97
CA GLU B 237 -51.25 14.33 -2.44
C GLU B 237 -52.44 14.13 -3.36
N GLY B 238 -52.76 12.86 -3.63
CA GLY B 238 -53.92 12.51 -4.45
C GLY B 238 -53.60 12.42 -5.93
N THR B 239 -52.48 13.03 -6.33
CA THR B 239 -52.09 13.03 -7.74
C THR B 239 -51.67 11.63 -8.21
N PRO B 240 -52.25 11.17 -9.34
CA PRO B 240 -51.86 9.94 -10.01
C PRO B 240 -50.35 9.83 -10.29
N LYS B 241 -49.77 8.69 -9.94
CA LYS B 241 -48.34 8.45 -10.11
C LYS B 241 -47.83 8.84 -11.51
N GLU B 242 -48.64 8.59 -12.53
CA GLU B 242 -48.20 8.76 -13.92
C GLU B 242 -48.28 10.21 -14.37
N GLN B 243 -48.85 11.07 -13.54
CA GLN B 243 -48.95 12.50 -13.86
C GLN B 243 -47.87 13.27 -13.09
N SER B 244 -47.03 12.54 -12.37
CA SER B 244 -46.05 13.14 -11.50
C SER B 244 -44.86 13.57 -12.34
N ILE B 245 -44.27 14.70 -12.00
CA ILE B 245 -42.90 14.98 -12.44
C ILE B 245 -41.94 13.98 -11.81
N HIS B 246 -40.97 13.52 -12.59
CA HIS B 246 -40.09 12.46 -12.12
C HIS B 246 -38.70 12.58 -12.73
N SER B 247 -37.70 12.03 -12.02
CA SER B 247 -36.40 11.66 -12.61
C SER B 247 -36.31 10.13 -12.76
N ARG B 248 -36.01 9.69 -13.98
CA ARG B 248 -35.57 8.32 -14.22
C ARG B 248 -34.05 8.24 -14.09
N GLY B 249 -33.61 7.55 -13.04
CA GLY B 249 -32.19 7.55 -12.64
C GLY B 249 -31.43 6.36 -13.20
N THR B 250 -30.44 6.65 -14.02
CA THR B 250 -29.45 5.64 -14.41
C THR B 250 -28.52 5.37 -13.25
N HIS B 251 -28.44 4.10 -12.85
CA HIS B 251 -27.48 3.66 -11.85
C HIS B 251 -26.93 2.33 -12.27
N ILE B 252 -25.78 2.35 -12.92
CA ILE B 252 -25.26 1.16 -13.59
C ILE B 252 -23.86 0.93 -13.04
N LEU B 253 -23.60 -0.31 -12.64
CA LEU B 253 -22.35 -0.68 -12.08
C LEU B 253 -21.60 -1.64 -12.98
N THR B 254 -20.28 -1.49 -13.00
CA THR B 254 -19.42 -2.43 -13.69
C THR B 254 -18.21 -2.80 -12.82
N PRO B 255 -18.02 -4.10 -12.56
CA PRO B 255 -16.85 -4.53 -11.82
C PRO B 255 -15.58 -4.06 -12.51
N GLU B 256 -14.66 -3.59 -11.67
CA GLU B 256 -13.30 -3.28 -12.12
C GLU B 256 -12.35 -4.40 -11.68
N THR B 257 -12.18 -4.53 -10.38
CA THR B 257 -11.57 -5.69 -9.77
C THR B 257 -12.56 -6.34 -8.81
N GLU B 258 -12.15 -7.40 -8.14
CA GLU B 258 -13.01 -8.06 -7.16
C GLU B 258 -13.51 -7.06 -6.10
N ALA B 259 -12.65 -6.10 -5.72
CA ALA B 259 -12.97 -5.15 -4.64
C ALA B 259 -13.11 -3.69 -5.10
N SER B 260 -13.35 -3.46 -6.39
CA SER B 260 -13.61 -2.11 -6.90
C SER B 260 -14.56 -2.13 -8.10
N CYS B 261 -15.21 -1.00 -8.34
CA CYS B 261 -16.14 -0.88 -9.43
C CYS B 261 -16.26 0.52 -10.02
N HIS B 262 -16.91 0.56 -11.18
CA HIS B 262 -17.24 1.75 -11.93
C HIS B 262 -18.72 2.02 -11.74
N TYR B 263 -19.04 3.28 -11.50
CA TYR B 263 -20.42 3.69 -11.26
C TYR B 263 -20.79 4.77 -12.25
N PHE B 264 -21.75 4.44 -13.08
CA PHE B 264 -22.31 5.33 -14.08
C PHE B 264 -23.68 5.79 -13.61
N PHE B 265 -23.83 7.08 -13.38
CA PHE B 265 -25.07 7.58 -12.80
C PHE B 265 -25.65 8.69 -13.65
N GLY B 266 -26.96 8.87 -13.55
CA GLY B 266 -27.62 9.84 -14.38
C GLY B 266 -29.00 10.11 -13.86
N SER B 267 -29.50 11.30 -14.20
CA SER B 267 -30.89 11.67 -13.98
C SER B 267 -31.48 12.07 -15.31
N SER B 268 -32.54 11.38 -15.72
CA SER B 268 -33.30 11.79 -16.89
C SER B 268 -34.68 12.26 -16.47
N ARG B 269 -34.92 13.56 -16.56
CA ARG B 269 -36.08 14.17 -15.88
C ARG B 269 -37.07 14.70 -16.91
N ASN B 270 -38.36 14.70 -16.55
CA ASN B 270 -39.39 15.14 -17.48
C ASN B 270 -39.90 16.53 -17.11
N PHE B 271 -39.16 17.21 -16.25
CA PHE B 271 -39.58 18.51 -15.75
C PHE B 271 -38.43 19.50 -15.76
N GLY B 272 -38.75 20.76 -16.00
CA GLY B 272 -37.78 21.86 -15.98
C GLY B 272 -36.61 21.62 -16.91
N ILE B 273 -36.90 21.13 -18.11
CA ILE B 273 -35.90 20.42 -18.90
C ILE B 273 -34.98 21.44 -19.60
N ASP B 274 -35.41 22.69 -19.61
CA ASP B 274 -34.56 23.81 -20.09
C ASP B 274 -34.07 24.70 -18.94
N ASP B 275 -34.05 24.14 -17.73
CA ASP B 275 -33.81 24.91 -16.53
C ASP B 275 -32.45 24.51 -15.96
N PRO B 276 -31.47 25.43 -16.03
CA PRO B 276 -30.11 25.13 -15.61
C PRO B 276 -29.94 25.12 -14.09
N GLU B 277 -30.80 25.84 -13.38
CA GLU B 277 -30.84 25.72 -11.92
C GLU B 277 -31.20 24.30 -11.51
N MET B 278 -32.11 23.68 -12.25
CA MET B 278 -32.47 22.30 -11.95
C MET B 278 -31.32 21.34 -12.29
N ASP B 279 -30.65 21.61 -13.41
CA ASP B 279 -29.40 20.90 -13.71
C ASP B 279 -28.47 20.84 -12.49
N GLY B 280 -28.16 22.01 -11.94
CA GLY B 280 -27.39 22.13 -10.69
C GLY B 280 -27.90 21.38 -9.47
N VAL B 281 -29.20 21.44 -9.20
CA VAL B 281 -29.76 20.71 -8.06
C VAL B 281 -29.41 19.23 -8.17
N LEU B 282 -29.64 18.65 -9.34
CA LEU B 282 -29.41 17.24 -9.57
C LEU B 282 -27.93 16.82 -9.62
N ARG B 283 -27.08 17.64 -10.23
CA ARG B 283 -25.66 17.38 -10.22
C ARG B 283 -25.08 17.51 -8.81
N SER B 284 -25.65 18.42 -8.02
CA SER B 284 -25.22 18.60 -6.64
C SER B 284 -25.59 17.38 -5.79
N TRP B 285 -26.82 16.90 -5.95
CA TRP B 285 -27.23 15.63 -5.33
C TRP B 285 -26.31 14.47 -5.69
N GLN B 286 -26.03 14.31 -6.97
CA GLN B 286 -25.16 13.24 -7.45
C GLN B 286 -23.79 13.34 -6.80
N ALA B 287 -23.29 14.57 -6.70
CA ALA B 287 -21.95 14.82 -6.18
C ALA B 287 -21.92 14.48 -4.69
N GLN B 288 -22.98 14.87 -3.98
CA GLN B 288 -23.02 14.75 -2.53
C GLN B 288 -23.42 13.33 -2.12
N ALA B 289 -24.50 12.82 -2.69
CA ALA B 289 -25.12 11.57 -2.24
C ALA B 289 -24.35 10.37 -2.77
N LEU B 290 -24.09 10.36 -4.07
CA LEU B 290 -23.70 9.12 -4.71
C LEU B 290 -22.18 8.96 -4.56
N VAL B 291 -21.45 10.02 -4.86
CA VAL B 291 -20.00 9.94 -5.02
C VAL B 291 -19.29 10.18 -3.67
N LYS B 292 -19.97 10.85 -2.75
CA LYS B 292 -19.45 10.98 -1.38
C LYS B 292 -20.09 10.00 -0.38
N GLU B 293 -21.37 10.23 -0.09
CA GLU B 293 -22.00 9.59 1.06
C GLU B 293 -22.11 8.07 0.91
N ASP B 294 -22.62 7.60 -0.21
CA ASP B 294 -22.70 6.15 -0.47
C ASP B 294 -21.32 5.52 -0.56
N LYS B 295 -20.40 6.23 -1.19
CA LYS B 295 -19.06 5.70 -1.36
C LYS B 295 -18.48 5.41 0.00
N VAL B 296 -18.65 6.33 0.95
CA VAL B 296 -18.08 6.19 2.27
C VAL B 296 -18.64 4.96 2.94
N VAL B 297 -19.92 4.74 2.78
CA VAL B 297 -20.55 3.57 3.38
C VAL B 297 -20.03 2.26 2.80
N VAL B 298 -20.05 2.12 1.48
CA VAL B 298 -19.79 0.82 0.87
C VAL B 298 -18.29 0.52 0.90
N GLU B 299 -17.46 1.57 0.78
CA GLU B 299 -16.02 1.39 0.93
C GLU B 299 -15.68 0.93 2.33
N ALA B 300 -16.39 1.46 3.33
CA ALA B 300 -16.25 0.99 4.71
C ALA B 300 -16.66 -0.45 4.92
N ILE B 301 -17.80 -0.86 4.38
CA ILE B 301 -18.21 -2.26 4.40
C ILE B 301 -17.17 -3.16 3.70
N GLU B 302 -16.67 -2.75 2.54
CA GLU B 302 -15.64 -3.55 1.87
C GLU B 302 -14.45 -3.86 2.79
N ARG B 303 -14.07 -2.88 3.57
CA ARG B 303 -12.92 -3.00 4.50
C ARG B 303 -13.19 -4.00 5.63
N ARG B 304 -14.48 -4.25 5.88
CA ARG B 304 -14.92 -5.18 6.92
C ARG B 304 -15.12 -6.60 6.38
N ARG B 305 -14.96 -6.76 5.08
CA ARG B 305 -15.16 -8.08 4.48
C ARG B 305 -14.24 -9.17 5.07
N ALA B 306 -12.97 -8.85 5.27
CA ALA B 306 -12.04 -9.87 5.72
C ALA B 306 -12.50 -10.40 7.07
N TYR B 307 -12.92 -9.51 7.96
CA TYR B 307 -13.36 -9.92 9.28
C TYR B 307 -14.63 -10.76 9.21
N VAL B 308 -15.61 -10.29 8.46
CA VAL B 308 -16.89 -10.99 8.32
C VAL B 308 -16.68 -12.38 7.76
N GLU B 309 -15.82 -12.49 6.74
CA GLU B 309 -15.58 -13.79 6.11
C GLU B 309 -14.79 -14.72 7.05
N ALA B 310 -13.80 -14.18 7.75
CA ALA B 310 -13.00 -14.98 8.67
C ALA B 310 -13.83 -15.51 9.82
N ASN B 311 -14.89 -14.79 10.18
CA ASN B 311 -15.67 -15.13 11.35
C ASN B 311 -17.06 -15.69 11.03
N GLY B 312 -17.32 -15.90 9.75
CA GLY B 312 -18.49 -16.67 9.33
C GLY B 312 -19.78 -15.92 9.60
N ILE B 313 -19.69 -14.59 9.55
CA ILE B 313 -20.79 -13.71 9.90
C ILE B 313 -21.67 -13.56 8.68
N ARG B 314 -22.97 -13.76 8.88
CA ARG B 314 -23.98 -13.57 7.84
C ARG B 314 -24.84 -12.37 8.18
N PRO B 315 -25.41 -11.71 7.16
CA PRO B 315 -26.15 -10.47 7.39
C PRO B 315 -27.51 -10.84 7.98
N ALA B 316 -28.07 -9.94 8.79
CA ALA B 316 -29.38 -10.12 9.39
C ALA B 316 -30.36 -9.24 8.65
N MET B 317 -31.40 -9.82 8.06
CA MET B 317 -32.19 -9.03 7.12
C MET B 317 -33.41 -8.41 7.80
N LEU B 318 -33.84 -7.28 7.27
CA LEU B 318 -34.93 -6.46 7.83
C LEU B 318 -36.04 -6.42 6.80
N SER B 319 -37.14 -5.73 7.13
CA SER B 319 -38.31 -5.70 6.25
C SER B 319 -38.07 -4.94 4.93
N CYS B 320 -36.93 -4.27 4.83
CA CYS B 320 -36.66 -3.40 3.69
C CYS B 320 -35.77 -4.08 2.65
N ASP B 321 -35.50 -5.37 2.84
CA ASP B 321 -34.41 -6.06 2.15
C ASP B 321 -34.81 -7.05 1.05
N GLU B 322 -36.10 -7.26 0.85
CA GLU B 322 -36.56 -8.32 -0.08
C GLU B 322 -35.96 -8.22 -1.47
N ALA B 323 -36.05 -7.02 -2.08
CA ALA B 323 -35.64 -6.86 -3.46
C ALA B 323 -34.12 -7.03 -3.57
N ALA B 324 -33.38 -6.45 -2.63
CA ALA B 324 -31.93 -6.54 -2.65
C ALA B 324 -31.51 -8.00 -2.52
N VAL B 325 -32.20 -8.73 -1.66
CA VAL B 325 -31.88 -10.13 -1.41
C VAL B 325 -32.16 -10.95 -2.67
N ARG B 326 -33.31 -10.70 -3.31
CA ARG B 326 -33.68 -11.42 -4.52
C ARG B 326 -32.66 -11.15 -5.62
N VAL B 327 -32.28 -9.87 -5.82
CA VAL B 327 -31.23 -9.52 -6.78
C VAL B 327 -29.90 -10.21 -6.46
N SER B 328 -29.49 -10.14 -5.21
CA SER B 328 -28.25 -10.77 -4.77
C SER B 328 -28.24 -12.25 -5.14
N ARG B 329 -29.34 -12.93 -4.87
CA ARG B 329 -29.41 -14.35 -5.18
C ARG B 329 -29.33 -14.62 -6.68
N GLU B 330 -29.86 -13.71 -7.48
CA GLU B 330 -29.83 -13.87 -8.93
C GLU B 330 -28.42 -13.71 -9.48
N ILE B 331 -27.69 -12.71 -9.00
CA ILE B 331 -26.29 -12.55 -9.37
C ILE B 331 -25.44 -13.74 -8.94
N GLU B 332 -25.65 -14.22 -7.70
CA GLU B 332 -24.94 -15.40 -7.23
C GLU B 332 -25.21 -16.56 -8.14
N LYS B 333 -26.47 -16.71 -8.56
CA LYS B 333 -26.90 -17.80 -9.44
C LYS B 333 -26.18 -17.71 -10.80
N LEU B 334 -26.11 -16.52 -11.34
CA LEU B 334 -25.37 -16.30 -12.58
C LEU B 334 -23.87 -16.57 -12.39
N GLU B 335 -23.32 -16.13 -11.25
CA GLU B 335 -21.89 -16.24 -10.99
C GLU B 335 -21.48 -17.73 -10.87
N GLN B 336 -22.26 -18.53 -10.17
CA GLN B 336 -21.93 -19.94 -9.96
C GLN B 336 -22.27 -20.80 -11.18
N LEU B 337 -23.30 -20.42 -11.92
CA LEU B 337 -23.58 -21.01 -13.23
C LEU B 337 -22.35 -20.95 -14.13
N GLU B 338 -21.75 -19.78 -14.24
CA GLU B 338 -20.60 -19.61 -15.11
C GLU B 338 -19.38 -20.35 -14.57
N ALA B 339 -19.20 -20.36 -13.26
CA ALA B 339 -18.01 -20.98 -12.65
C ALA B 339 -17.92 -22.48 -12.95
N ALA B 340 -19.06 -23.10 -13.27
CA ALA B 340 -19.07 -24.35 -14.01
C ALA B 340 -19.77 -24.17 -15.36
N ARG B 341 -19.00 -23.99 -16.43
CA ARG B 341 -17.61 -24.42 -16.49
C ARG B 341 -16.67 -23.23 -16.45
N ALA C 2 10.97 -14.81 -5.71
CA ALA C 2 11.68 -14.05 -6.80
C ALA C 2 12.58 -14.99 -7.58
N THR C 3 12.59 -14.83 -8.90
CA THR C 3 13.62 -15.45 -9.73
C THR C 3 14.65 -14.44 -10.25
N PHE C 4 15.81 -14.45 -9.60
CA PHE C 4 16.97 -13.66 -10.00
C PHE C 4 18.10 -14.60 -10.37
N VAL C 5 19.06 -14.12 -11.15
CA VAL C 5 20.34 -14.78 -11.30
C VAL C 5 21.32 -14.21 -10.27
N ARG C 6 21.62 -14.98 -9.23
CA ARG C 6 22.30 -14.38 -8.06
C ARG C 6 23.82 -14.49 -8.26
N ASN C 7 24.23 -15.45 -9.08
CA ASN C 7 25.64 -15.76 -9.32
C ASN C 7 26.23 -14.92 -10.43
N ALA C 8 26.40 -13.64 -10.13
CA ALA C 8 26.91 -12.72 -11.11
C ALA C 8 27.24 -11.43 -10.36
N TRP C 9 28.10 -10.64 -10.98
CA TRP C 9 28.41 -9.26 -10.50
C TRP C 9 27.35 -8.24 -10.93
N TYR C 10 26.82 -7.47 -9.96
CA TYR C 10 25.92 -6.40 -10.24
C TYR C 10 26.46 -5.07 -9.67
N VAL C 11 26.21 -3.97 -10.36
CA VAL C 11 26.43 -2.65 -9.77
C VAL C 11 25.44 -2.34 -8.67
N ALA C 12 25.95 -1.99 -7.49
CA ALA C 12 25.10 -1.65 -6.35
C ALA C 12 25.07 -0.17 -6.07
N ALA C 13 26.09 0.53 -6.56
CA ALA C 13 26.21 1.97 -6.37
C ALA C 13 27.25 2.58 -7.30
N LEU C 14 27.16 3.88 -7.49
CA LEU C 14 28.26 4.68 -8.05
C LEU C 14 29.14 5.11 -6.87
N PRO C 15 30.45 5.18 -7.09
CA PRO C 15 31.36 5.49 -5.98
C PRO C 15 30.97 6.82 -5.28
N GLU C 16 30.48 7.78 -6.06
CA GLU C 16 30.16 9.08 -5.55
C GLU C 16 28.93 9.06 -4.61
N GLU C 17 28.18 7.97 -4.61
CA GLU C 17 27.09 7.78 -3.66
C GLU C 17 27.53 7.36 -2.26
N LEU C 18 28.76 6.85 -2.13
CA LEU C 18 29.19 6.19 -0.90
C LEU C 18 30.12 7.08 -0.10
N SER C 19 30.04 6.98 1.23
CA SER C 19 30.89 7.72 2.12
C SER C 19 30.89 6.99 3.44
N GLU C 20 31.34 7.65 4.49
CA GLU C 20 31.37 7.02 5.78
C GLU C 20 29.97 6.95 6.39
N LYS C 21 29.03 7.70 5.83
CA LYS C 21 27.60 7.53 6.17
C LYS C 21 27.02 6.44 5.29
N PRO C 22 26.62 5.34 5.90
CA PRO C 22 26.12 4.24 5.08
C PRO C 22 24.89 4.57 4.21
N LEU C 23 24.84 3.86 3.08
CA LEU C 23 23.71 3.84 2.17
C LEU C 23 23.02 2.49 2.26
N GLY C 24 21.73 2.53 2.55
CA GLY C 24 20.92 1.31 2.53
C GLY C 24 20.29 1.18 1.15
N ARG C 25 20.54 0.06 0.50
CA ARG C 25 19.97 -0.22 -0.82
C ARG C 25 19.79 -1.72 -0.93
N THR C 26 18.69 -2.10 -1.54
CA THR C 26 18.31 -3.51 -1.70
C THR C 26 18.64 -3.90 -3.15
N ILE C 27 19.35 -4.99 -3.31
CA ILE C 27 19.57 -5.59 -4.61
C ILE C 27 19.17 -7.07 -4.60
N LEU C 28 18.43 -7.51 -5.60
CA LEU C 28 17.96 -8.87 -5.64
C LEU C 28 17.32 -9.25 -4.29
N ASP C 29 16.44 -8.38 -3.81
CA ASP C 29 15.70 -8.61 -2.59
C ASP C 29 16.58 -8.85 -1.38
N THR C 30 17.79 -8.28 -1.44
CA THR C 30 18.79 -8.46 -0.36
C THR C 30 19.17 -7.06 0.08
N PRO C 31 18.85 -6.70 1.34
CA PRO C 31 19.18 -5.37 1.86
C PRO C 31 20.63 -5.24 2.24
N LEU C 32 21.28 -4.23 1.65
CA LEU C 32 22.71 -3.96 1.82
C LEU C 32 22.97 -2.63 2.56
N ALA C 33 24.05 -2.63 3.36
CA ALA C 33 24.64 -1.41 3.93
C ALA C 33 25.97 -1.19 3.26
N LEU C 34 26.05 -0.09 2.52
CA LEU C 34 27.21 0.19 1.68
C LEU C 34 27.90 1.43 2.21
N TYR C 35 29.19 1.35 2.46
CA TYR C 35 29.90 2.48 3.05
C TYR C 35 31.38 2.36 2.75
N ARG C 36 32.07 3.48 2.90
CA ARG C 36 33.52 3.56 2.78
C ARG C 36 34.12 3.62 4.16
N GLN C 37 35.15 2.80 4.35
CA GLN C 37 35.89 2.80 5.59
C GLN C 37 36.88 3.97 5.58
N PRO C 38 37.44 4.30 6.74
CA PRO C 38 38.36 5.42 6.80
C PRO C 38 39.49 5.37 5.77
N ASP C 39 39.92 4.16 5.39
CA ASP C 39 40.98 4.04 4.37
C ASP C 39 40.42 4.14 2.95
N GLY C 40 39.13 4.40 2.84
CA GLY C 40 38.49 4.64 1.54
C GLY C 40 37.84 3.39 0.95
N VAL C 41 38.20 2.24 1.50
CA VAL C 41 37.73 0.95 0.97
C VAL C 41 36.27 0.66 1.29
N VAL C 42 35.50 0.31 0.26
CA VAL C 42 34.07 0.13 0.42
C VAL C 42 33.79 -1.25 0.99
N ALA C 43 32.85 -1.29 1.92
CA ALA C 43 32.37 -2.55 2.47
C ALA C 43 30.88 -2.64 2.17
N ALA C 44 30.40 -3.87 2.05
CA ALA C 44 29.02 -4.16 1.75
C ALA C 44 28.52 -5.25 2.69
N LEU C 45 27.71 -4.86 3.68
CA LEU C 45 27.26 -5.78 4.71
C LEU C 45 25.77 -6.04 4.50
N LEU C 46 25.31 -7.22 4.88
CA LEU C 46 23.90 -7.47 4.96
C LEU C 46 23.31 -6.47 5.96
N ASP C 47 22.29 -5.73 5.54
CA ASP C 47 21.70 -4.63 6.34
C ASP C 47 20.72 -5.12 7.42
N ILE C 48 21.18 -6.12 8.20
CA ILE C 48 20.38 -6.84 9.21
C ILE C 48 21.34 -7.22 10.35
N CYS C 49 21.27 -6.52 11.45
CA CYS C 49 22.16 -6.84 12.56
C CYS C 49 21.91 -8.27 13.07
N PRO C 50 22.97 -9.06 13.28
CA PRO C 50 22.81 -10.41 13.79
C PRO C 50 22.12 -10.53 15.15
N HIS C 51 22.13 -9.45 15.93
CA HIS C 51 21.54 -9.48 17.26
C HIS C 51 20.00 -9.49 17.15
N ARG C 52 19.41 -8.37 16.73
CA ARG C 52 17.98 -8.27 16.62
C ARG C 52 17.49 -7.63 15.32
N PHE C 53 18.35 -7.61 14.30
CA PHE C 53 17.95 -7.37 12.92
C PHE C 53 17.77 -5.89 12.55
N ALA C 54 18.27 -4.98 13.39
CA ALA C 54 18.24 -3.57 13.05
C ALA C 54 19.07 -3.27 11.80
N PRO C 55 18.71 -2.15 11.14
CA PRO C 55 19.44 -1.66 9.97
C PRO C 55 20.79 -1.10 10.36
N LEU C 56 21.84 -1.84 10.06
CA LEU C 56 23.19 -1.30 10.22
C LEU C 56 23.40 0.00 9.41
N SER C 57 22.68 0.14 8.31
CA SER C 57 22.76 1.32 7.45
C SER C 57 22.28 2.62 8.09
N ASP C 58 21.60 2.51 9.24
CA ASP C 58 21.15 3.66 10.04
C ASP C 58 22.17 4.00 11.14
N GLY C 59 23.30 3.28 11.14
CA GLY C 59 24.37 3.45 12.14
C GLY C 59 25.43 4.43 11.64
N ILE C 60 26.44 4.66 12.48
CA ILE C 60 27.55 5.54 12.17
C ILE C 60 28.84 4.73 12.41
N LEU C 61 29.95 5.16 11.82
CA LEU C 61 31.25 4.60 12.19
C LEU C 61 31.73 5.03 13.56
N VAL C 62 32.26 4.06 14.29
CA VAL C 62 33.01 4.29 15.53
C VAL C 62 34.39 3.66 15.39
N ASN C 63 35.42 4.51 15.41
CA ASN C 63 36.77 4.05 15.10
C ASN C 63 36.84 3.26 13.81
N GLY C 64 36.10 3.71 12.80
CA GLY C 64 36.20 3.14 11.47
C GLY C 64 35.42 1.86 11.31
N HIS C 65 34.68 1.52 12.37
CA HIS C 65 33.84 0.36 12.34
C HIS C 65 32.34 0.75 12.44
N LEU C 66 31.53 0.17 11.56
CA LEU C 66 30.09 0.44 11.57
C LEU C 66 29.46 -0.06 12.87
N GLN C 67 28.74 0.82 13.56
CA GLN C 67 28.06 0.50 14.80
C GLN C 67 26.57 0.34 14.58
N CYS C 68 26.02 -0.78 15.00
CA CYS C 68 24.57 -0.94 14.97
C CYS C 68 23.91 0.15 15.78
N PRO C 69 22.86 0.80 15.22
CA PRO C 69 22.18 1.89 15.92
C PRO C 69 21.35 1.42 17.13
N TYR C 70 21.14 0.11 17.28
CA TYR C 70 20.20 -0.38 18.28
C TYR C 70 20.86 -0.68 19.65
N HIS C 71 21.82 -1.64 19.69
CA HIS C 71 22.57 -1.91 20.89
C HIS C 71 24.10 -1.91 20.71
N GLY C 72 24.58 -1.32 19.63
CA GLY C 72 25.96 -0.86 19.59
C GLY C 72 27.00 -1.91 19.26
N LEU C 73 26.60 -3.08 18.76
CA LEU C 73 27.61 -3.99 18.20
C LEU C 73 28.36 -3.25 17.08
N GLU C 74 29.67 -3.48 16.96
CA GLU C 74 30.47 -2.83 15.92
C GLU C 74 31.11 -3.88 15.03
N PHE C 75 31.18 -3.61 13.74
CA PHE C 75 31.60 -4.61 12.76
C PHE C 75 32.75 -4.07 11.91
N ASP C 76 33.63 -4.97 11.46
CA ASP C 76 34.58 -4.57 10.44
C ASP C 76 34.03 -4.80 9.04
N GLY C 77 34.80 -4.43 8.03
CA GLY C 77 34.30 -4.44 6.66
C GLY C 77 34.13 -5.85 6.14
N GLY C 78 34.75 -6.80 6.82
CA GLY C 78 34.57 -8.23 6.58
C GLY C 78 33.36 -8.82 7.27
N GLY C 79 32.66 -7.99 8.05
CA GLY C 79 31.47 -8.40 8.77
C GLY C 79 31.72 -9.03 10.13
N GLN C 80 32.97 -9.09 10.52
CA GLN C 80 33.35 -9.56 11.84
C GLN C 80 32.92 -8.58 12.92
N CYS C 81 32.27 -9.09 13.96
CA CYS C 81 31.98 -8.29 15.14
C CYS C 81 33.26 -8.00 15.91
N VAL C 82 33.59 -6.72 16.00
CA VAL C 82 34.83 -6.32 16.60
C VAL C 82 34.64 -5.66 17.97
N HIS C 83 33.41 -5.39 18.35
CA HIS C 83 33.15 -4.90 19.72
C HIS C 83 31.73 -5.22 20.12
N ASN C 84 31.60 -5.83 21.31
CA ASN C 84 30.32 -6.06 21.98
C ASN C 84 30.34 -5.28 23.30
N PRO C 85 29.52 -4.21 23.42
CA PRO C 85 29.52 -3.39 24.66
C PRO C 85 29.02 -4.09 25.92
N HIS C 86 28.40 -5.27 25.77
CA HIS C 86 27.55 -5.82 26.82
C HIS C 86 28.17 -6.94 27.61
N GLY C 87 28.07 -6.86 28.93
CA GLY C 87 28.51 -7.96 29.80
C GLY C 87 29.99 -8.22 29.66
N ASN C 88 30.35 -9.48 29.46
CA ASN C 88 31.75 -9.84 29.33
C ASN C 88 32.32 -9.40 27.99
N GLY C 89 31.46 -8.90 27.10
CA GLY C 89 31.91 -8.42 25.79
C GLY C 89 32.43 -9.49 24.84
N ALA C 90 32.10 -10.74 25.14
CA ALA C 90 32.46 -11.82 24.25
C ALA C 90 31.87 -11.65 22.86
N ARG C 91 32.65 -12.09 21.89
CA ARG C 91 32.24 -11.98 20.48
C ARG C 91 32.24 -13.35 19.82
N PRO C 92 31.21 -14.16 20.12
CA PRO C 92 31.14 -15.45 19.42
C PRO C 92 30.84 -15.24 17.92
N ALA C 93 31.18 -16.24 17.10
CA ALA C 93 31.08 -16.11 15.65
C ALA C 93 29.65 -15.81 15.25
N SER C 94 28.72 -16.29 16.07
CA SER C 94 27.29 -15.97 15.91
C SER C 94 26.96 -14.48 15.77
N LEU C 95 27.89 -13.59 16.14
CA LEU C 95 27.64 -12.15 16.10
C LEU C 95 28.18 -11.52 14.81
N ASN C 96 28.82 -12.31 13.96
CA ASN C 96 29.34 -11.79 12.70
C ASN C 96 28.18 -11.58 11.72
N VAL C 97 28.28 -10.55 10.89
CA VAL C 97 27.28 -10.25 9.85
C VAL C 97 27.80 -10.65 8.46
N ARG C 98 26.90 -11.03 7.56
CA ARG C 98 27.30 -11.39 6.22
C ARG C 98 27.92 -10.18 5.55
N SER C 99 29.05 -10.44 4.90
CA SER C 99 29.72 -9.43 4.06
C SER C 99 29.78 -9.93 2.63
N PHE C 100 29.43 -9.06 1.68
CA PHE C 100 29.35 -9.45 0.28
C PHE C 100 30.63 -9.13 -0.46
N PRO C 101 31.00 -10.01 -1.41
CA PRO C 101 32.15 -9.64 -2.23
C PRO C 101 31.84 -8.33 -2.93
N VAL C 102 32.81 -7.42 -2.88
CA VAL C 102 32.61 -6.09 -3.38
C VAL C 102 33.93 -5.67 -4.03
N VAL C 103 33.84 -5.10 -5.23
CA VAL C 103 35.00 -4.55 -5.91
C VAL C 103 34.65 -3.17 -6.46
N GLU C 104 35.46 -2.16 -6.14
CA GLU C 104 35.37 -0.85 -6.78
C GLU C 104 36.28 -0.85 -8.00
N ARG C 105 35.67 -0.75 -9.18
CA ARG C 105 36.46 -0.84 -10.40
C ARG C 105 35.70 -0.05 -11.46
N ASP C 106 36.45 0.66 -12.30
CA ASP C 106 35.89 1.46 -13.39
C ASP C 106 34.82 2.43 -12.88
N ALA C 107 35.07 3.03 -11.72
CA ALA C 107 34.14 3.99 -11.15
C ALA C 107 32.72 3.40 -10.99
N LEU C 108 32.68 2.13 -10.60
CA LEU C 108 31.45 1.40 -10.28
C LEU C 108 31.72 0.59 -9.03
N ILE C 109 30.68 0.37 -8.23
CA ILE C 109 30.76 -0.53 -7.10
C ILE C 109 30.03 -1.82 -7.41
N TRP C 110 30.79 -2.90 -7.61
CA TRP C 110 30.27 -4.19 -8.05
C TRP C 110 30.13 -5.08 -6.83
N ILE C 111 29.04 -5.82 -6.77
CA ILE C 111 28.75 -6.69 -5.67
C ILE C 111 28.28 -8.03 -6.21
N TRP C 112 28.63 -9.11 -5.52
CA TRP C 112 28.24 -10.45 -5.89
C TRP C 112 27.22 -10.94 -4.87
N PRO C 113 25.95 -10.96 -5.23
CA PRO C 113 24.91 -11.35 -4.29
C PRO C 113 24.69 -12.84 -4.09
N GLY C 114 25.33 -13.68 -4.89
CA GLY C 114 25.04 -15.10 -4.89
C GLY C 114 26.06 -15.89 -4.11
N ASP C 115 26.32 -17.11 -4.58
CA ASP C 115 27.22 -18.04 -3.87
C ASP C 115 28.60 -17.45 -3.85
N PRO C 116 29.10 -17.07 -2.65
CA PRO C 116 30.33 -16.32 -2.61
C PRO C 116 31.55 -17.12 -3.02
N ALA C 117 31.44 -18.44 -3.01
CA ALA C 117 32.56 -19.28 -3.45
C ALA C 117 32.91 -19.02 -4.92
N LEU C 118 31.93 -18.53 -5.66
CA LEU C 118 31.98 -18.50 -7.12
C LEU C 118 32.34 -17.10 -7.61
N ALA C 119 32.40 -16.13 -6.70
CA ALA C 119 32.68 -14.75 -7.08
C ALA C 119 34.15 -14.62 -7.52
N ASP C 120 34.35 -14.29 -8.79
CA ASP C 120 35.69 -14.10 -9.35
C ASP C 120 35.83 -12.70 -9.91
N PRO C 121 36.65 -11.87 -9.28
CA PRO C 121 36.68 -10.49 -9.72
C PRO C 121 37.16 -10.36 -11.16
N GLY C 122 37.79 -11.41 -11.68
CA GLY C 122 38.25 -11.38 -13.05
C GLY C 122 37.10 -11.39 -14.05
N ALA C 123 35.93 -11.85 -13.58
CA ALA C 123 34.73 -11.92 -14.44
C ALA C 123 33.94 -10.61 -14.51
N ILE C 124 34.40 -9.58 -13.83
CA ILE C 124 33.68 -8.30 -13.80
C ILE C 124 33.79 -7.67 -15.19
N PRO C 125 32.65 -7.27 -15.76
CA PRO C 125 32.64 -6.66 -17.09
C PRO C 125 33.60 -5.46 -17.21
N ASP C 126 34.21 -5.31 -18.38
CA ASP C 126 35.17 -4.25 -18.65
C ASP C 126 34.52 -2.92 -19.02
N PHE C 127 34.54 -1.98 -18.08
CA PHE C 127 34.03 -0.62 -18.29
C PHE C 127 35.22 0.35 -18.15
N GLY C 128 36.39 -0.04 -18.63
CA GLY C 128 37.60 0.72 -18.38
C GLY C 128 37.57 2.15 -18.89
N CYS C 129 36.76 2.41 -19.91
CA CYS C 129 36.66 3.77 -20.47
C CYS C 129 36.29 4.78 -19.39
N ARG C 130 35.62 4.32 -18.34
CA ARG C 130 35.08 5.19 -17.29
C ARG C 130 36.18 5.78 -16.44
N VAL C 131 37.34 5.14 -16.44
CA VAL C 131 38.47 5.67 -15.70
C VAL C 131 39.69 5.93 -16.62
N ASP C 132 39.46 5.89 -17.92
CA ASP C 132 40.47 6.27 -18.92
C ASP C 132 40.49 7.79 -19.08
N PRO C 133 41.63 8.42 -18.83
CA PRO C 133 41.66 9.87 -18.89
C PRO C 133 41.50 10.44 -20.30
N ALA C 134 41.57 9.58 -21.31
CA ALA C 134 41.22 10.00 -22.67
C ALA C 134 39.73 10.29 -22.86
N TYR C 135 38.91 9.92 -21.86
CA TYR C 135 37.46 10.11 -21.91
C TYR C 135 36.99 10.98 -20.76
N ARG C 136 36.02 11.84 -21.04
CA ARG C 136 35.26 12.53 -20.02
C ARG C 136 34.04 11.70 -19.61
N THR C 137 33.99 11.32 -18.33
CA THR C 137 32.91 10.44 -17.86
C THR C 137 31.99 11.12 -16.82
N VAL C 138 30.68 11.11 -17.12
CA VAL C 138 29.64 11.61 -16.21
C VAL C 138 28.46 10.66 -16.27
N GLY C 139 27.53 10.81 -15.33
CA GLY C 139 26.34 9.96 -15.32
C GLY C 139 25.51 10.16 -14.06
N GLY C 140 24.79 9.13 -13.70
CA GLY C 140 23.90 9.21 -12.57
C GLY C 140 23.10 7.95 -12.36
N TYR C 141 22.04 8.10 -11.58
CA TYR C 141 21.31 6.98 -11.00
C TYR C 141 19.83 7.28 -11.18
N GLY C 142 19.03 6.28 -11.54
CA GLY C 142 17.58 6.34 -11.38
C GLY C 142 16.96 5.04 -10.94
N HIS C 143 15.72 5.14 -10.48
CA HIS C 143 14.95 3.97 -10.02
C HIS C 143 13.70 3.86 -10.91
N VAL C 144 13.30 2.63 -11.25
CA VAL C 144 12.14 2.37 -12.07
C VAL C 144 11.29 1.24 -11.46
N ASP C 145 9.98 1.45 -11.44
CA ASP C 145 9.07 0.43 -10.93
C ASP C 145 8.70 -0.57 -12.02
N CYS C 146 9.73 -1.18 -12.60
CA CYS C 146 9.51 -2.33 -13.45
C CYS C 146 10.59 -3.37 -13.22
N ASN C 147 10.28 -4.59 -13.65
CA ASN C 147 11.28 -5.64 -13.79
C ASN C 147 12.43 -5.21 -14.70
N TYR C 148 13.66 -5.44 -14.23
CA TYR C 148 14.84 -5.01 -14.95
C TYR C 148 14.91 -5.53 -16.40
N LYS C 149 14.35 -6.70 -16.65
CA LYS C 149 14.38 -7.27 -18.00
C LYS C 149 13.71 -6.36 -19.04
N LEU C 150 12.75 -5.56 -18.62
CA LEU C 150 12.05 -4.71 -19.56
C LEU C 150 13.00 -3.63 -20.02
N LEU C 151 13.86 -3.18 -19.12
CA LEU C 151 14.85 -2.15 -19.45
C LEU C 151 16.04 -2.69 -20.27
N VAL C 152 16.41 -3.94 -20.01
CA VAL C 152 17.40 -4.61 -20.84
C VAL C 152 16.82 -4.78 -22.27
N ASP C 153 15.58 -5.22 -22.40
CA ASP C 153 14.92 -5.31 -23.70
C ASP C 153 15.03 -4.00 -24.48
N ASN C 154 14.72 -2.91 -23.80
CA ASN C 154 14.63 -1.59 -24.42
C ASN C 154 16.01 -1.15 -24.89
N LEU C 155 17.02 -1.42 -24.07
CA LEU C 155 18.41 -1.09 -24.42
C LEU C 155 18.92 -1.89 -25.58
N MET C 156 18.55 -3.18 -25.64
CA MET C 156 19.05 -4.09 -26.66
C MET C 156 18.30 -3.93 -27.99
N ASP C 157 17.21 -3.18 -27.93
CA ASP C 157 16.55 -2.63 -29.12
C ASP C 157 17.17 -1.30 -29.61
N LEU C 158 16.82 -0.22 -28.93
CA LEU C 158 17.08 1.16 -29.38
C LEU C 158 16.20 1.58 -30.55
N GLU C 178 24.54 -1.67 -42.16
CA GLU C 178 24.94 -3.06 -42.01
C GLU C 178 24.86 -3.50 -40.55
N ARG C 179 23.92 -4.40 -40.27
CA ARG C 179 23.64 -4.82 -38.92
C ARG C 179 24.26 -6.18 -38.68
N GLU C 180 24.52 -6.49 -37.41
CA GLU C 180 25.32 -7.65 -37.04
C GLU C 180 25.11 -7.91 -35.55
N VAL C 181 24.68 -9.11 -35.20
CA VAL C 181 24.63 -9.52 -33.80
C VAL C 181 25.63 -10.65 -33.56
N ILE C 182 26.60 -10.39 -32.67
CA ILE C 182 27.57 -11.40 -32.27
C ILE C 182 27.20 -12.01 -30.92
N VAL C 183 26.82 -13.29 -30.92
CA VAL C 183 26.51 -14.01 -29.68
C VAL C 183 27.72 -14.83 -29.21
N GLY C 184 28.21 -14.53 -28.01
CA GLY C 184 29.11 -15.44 -27.30
C GLY C 184 28.61 -15.81 -25.92
N ASP C 185 29.54 -16.21 -25.05
CA ASP C 185 29.19 -16.78 -23.75
C ASP C 185 29.14 -15.68 -22.68
N GLY C 186 27.93 -15.35 -22.26
CA GLY C 186 27.72 -14.27 -21.31
C GLY C 186 28.09 -12.91 -21.87
N GLU C 187 28.29 -12.82 -23.19
CA GLU C 187 28.41 -11.53 -23.89
C GLU C 187 27.69 -11.61 -25.22
N ILE C 188 26.93 -10.58 -25.54
CA ILE C 188 26.30 -10.41 -26.84
C ILE C 188 26.60 -9.01 -27.34
N GLN C 189 27.03 -8.88 -28.60
CA GLN C 189 27.17 -7.54 -29.20
C GLN C 189 26.21 -7.33 -30.36
N ALA C 190 25.54 -6.18 -30.37
CA ALA C 190 24.71 -5.79 -31.51
C ALA C 190 25.39 -4.60 -32.19
N LEU C 191 25.91 -4.83 -33.38
CA LEU C 191 26.63 -3.81 -34.13
C LEU C 191 25.79 -3.21 -35.27
N MET C 192 25.93 -1.90 -35.46
CA MET C 192 25.34 -1.20 -36.60
C MET C 192 26.28 -0.09 -37.08
N LYS C 193 26.67 -0.18 -38.35
CA LYS C 193 27.32 0.93 -39.03
C LYS C 193 26.41 1.52 -40.09
N ILE C 194 26.34 2.85 -40.11
CA ILE C 194 25.56 3.58 -41.10
C ILE C 194 26.46 4.47 -41.94
N PRO C 195 26.94 3.95 -43.09
CA PRO C 195 27.63 4.82 -44.04
C PRO C 195 26.65 5.81 -44.66
N GLY C 196 27.15 6.95 -45.11
CA GLY C 196 26.28 8.08 -45.48
C GLY C 196 25.47 8.54 -44.29
N GLY C 197 26.04 8.42 -43.10
CA GLY C 197 25.29 8.50 -41.86
C GLY C 197 24.78 9.90 -41.61
N THR C 198 24.00 10.04 -40.54
CA THR C 198 23.72 11.35 -39.95
C THR C 198 24.41 11.42 -38.59
N PRO C 199 25.14 12.52 -38.32
CA PRO C 199 25.59 12.77 -36.95
C PRO C 199 24.40 12.92 -36.00
N SER C 200 24.50 12.37 -34.80
CA SER C 200 23.65 12.84 -33.72
C SER C 200 23.76 14.37 -33.61
N VAL C 201 22.67 14.99 -33.16
CA VAL C 201 22.67 16.39 -32.74
C VAL C 201 23.82 16.71 -31.78
N LEU C 202 24.10 15.78 -30.86
CA LEU C 202 25.14 15.99 -29.84
C LEU C 202 26.53 16.16 -30.46
N MET C 203 26.83 15.36 -31.48
CA MET C 203 28.19 15.25 -32.01
C MET C 203 28.38 16.09 -33.27
N ALA C 204 27.28 16.57 -33.83
CA ALA C 204 27.29 17.10 -35.19
C ALA C 204 28.39 18.16 -35.34
N LYS C 205 28.61 18.94 -34.29
CA LYS C 205 29.39 20.16 -34.41
C LYS C 205 30.90 19.93 -34.34
N PHE C 206 31.30 18.72 -33.98
CA PHE C 206 32.72 18.40 -33.85
C PHE C 206 33.32 17.87 -35.14
N LEU C 207 32.49 17.78 -36.18
CA LEU C 207 32.93 17.35 -37.50
C LEU C 207 33.66 18.47 -38.25
N PRO C 213 30.43 14.31 -44.81
CA PRO C 213 30.68 13.04 -45.50
C PRO C 213 31.09 11.91 -44.53
N VAL C 214 30.13 11.36 -43.79
CA VAL C 214 30.47 10.62 -42.57
C VAL C 214 30.03 9.16 -42.63
N ASP C 215 30.72 8.33 -41.85
CA ASP C 215 30.18 7.08 -41.34
C ASP C 215 29.68 7.27 -39.89
N ALA C 216 28.60 6.59 -39.54
CA ALA C 216 28.15 6.54 -38.15
C ALA C 216 28.09 5.11 -37.64
N TRP C 217 28.20 4.96 -36.32
CA TRP C 217 28.10 3.67 -35.65
C TRP C 217 27.19 3.77 -34.43
N ASN C 218 26.43 2.70 -34.17
CA ASN C 218 25.65 2.58 -32.95
C ASN C 218 25.61 1.12 -32.55
N ASP C 219 26.50 0.76 -31.63
CA ASP C 219 26.73 -0.62 -31.23
C ASP C 219 26.32 -0.70 -29.78
N ILE C 220 25.92 -1.87 -29.34
CA ILE C 220 25.80 -2.12 -27.93
C ILE C 220 26.30 -3.51 -27.55
N ARG C 221 26.96 -3.54 -26.38
CA ARG C 221 27.49 -4.75 -25.78
C ARG C 221 26.75 -5.04 -24.50
N TRP C 222 26.23 -6.26 -24.42
CA TRP C 222 25.64 -6.83 -23.21
C TRP C 222 26.59 -7.84 -22.56
N ASN C 223 26.79 -7.71 -21.25
CA ASN C 223 27.39 -8.79 -20.45
C ASN C 223 26.37 -9.28 -19.40
N LYS C 224 26.39 -10.56 -19.08
CA LYS C 224 25.43 -11.09 -18.11
C LYS C 224 25.64 -10.32 -16.79
N VAL C 225 24.58 -10.13 -16.02
CA VAL C 225 23.21 -10.40 -16.39
C VAL C 225 22.55 -9.21 -17.08
N SER C 226 22.92 -7.98 -16.72
CA SER C 226 22.20 -6.81 -17.18
C SER C 226 23.11 -5.58 -17.21
N ALA C 227 24.35 -5.76 -17.68
CA ALA C 227 25.31 -4.66 -17.78
C ALA C 227 25.61 -4.36 -19.25
N MET C 228 25.33 -3.13 -19.69
CA MET C 228 25.53 -2.78 -21.10
C MET C 228 26.42 -1.56 -21.31
N LEU C 229 27.16 -1.59 -22.41
CA LEU C 229 28.03 -0.49 -22.84
C LEU C 229 27.78 -0.28 -24.31
N ASN C 230 27.33 0.92 -24.68
CA ASN C 230 27.12 1.20 -26.07
C ASN C 230 28.24 2.05 -26.65
N PHE C 231 28.16 2.20 -27.95
CA PHE C 231 29.16 2.90 -28.72
C PHE C 231 28.43 3.69 -29.77
N ILE C 232 28.42 5.01 -29.61
CA ILE C 232 27.71 5.90 -30.52
C ILE C 232 28.78 6.82 -31.10
N ALA C 233 28.89 6.85 -32.42
CA ALA C 233 30.10 7.36 -33.06
C ALA C 233 29.84 7.96 -34.42
N VAL C 234 30.67 8.94 -34.80
CA VAL C 234 30.65 9.47 -36.16
C VAL C 234 32.08 9.85 -36.58
N ALA C 235 32.42 9.61 -37.85
CA ALA C 235 33.67 10.08 -38.45
C ALA C 235 33.50 10.31 -39.95
N PRO C 236 34.42 11.07 -40.56
CA PRO C 236 34.47 11.03 -42.02
C PRO C 236 34.64 9.60 -42.54
N GLU C 237 34.00 9.28 -43.66
CA GLU C 237 34.02 7.93 -44.20
C GLU C 237 35.45 7.41 -44.33
N GLY C 238 35.66 6.16 -43.90
CA GLY C 238 36.95 5.50 -44.05
C GLY C 238 37.74 5.49 -42.75
N THR C 239 37.34 6.31 -41.79
CA THR C 239 38.03 6.41 -40.51
C THR C 239 37.81 5.15 -39.67
N PRO C 240 38.90 4.59 -39.11
CA PRO C 240 38.76 3.62 -38.02
C PRO C 240 37.78 4.07 -36.93
N LYS C 241 36.82 3.22 -36.61
CA LYS C 241 35.80 3.60 -35.65
C LYS C 241 36.47 3.91 -34.32
N GLU C 242 37.64 3.32 -34.10
CA GLU C 242 38.41 3.56 -32.89
C GLU C 242 38.88 5.02 -32.81
N GLN C 243 38.98 5.66 -33.98
CA GLN C 243 39.45 7.05 -34.10
C GLN C 243 38.32 8.06 -34.34
N SER C 244 37.07 7.60 -34.25
CA SER C 244 35.89 8.45 -34.46
C SER C 244 35.68 9.46 -33.31
N ILE C 245 34.79 10.43 -33.53
CA ILE C 245 34.11 11.14 -32.44
C ILE C 245 33.08 10.19 -31.86
N HIS C 246 33.17 9.93 -30.56
CA HIS C 246 32.31 8.93 -29.96
C HIS C 246 32.12 9.03 -28.47
N SER C 247 31.04 8.40 -28.03
CA SER C 247 30.67 8.26 -26.63
C SER C 247 30.54 6.75 -26.37
N ARG C 248 31.08 6.26 -25.26
CA ARG C 248 30.72 4.93 -24.78
C ARG C 248 29.77 5.08 -23.59
N GLY C 249 28.57 4.54 -23.72
CA GLY C 249 27.48 4.81 -22.78
C GLY C 249 27.34 3.65 -21.80
N THR C 250 27.46 3.95 -20.51
CA THR C 250 27.19 3.00 -19.44
C THR C 250 25.69 2.88 -19.20
N HIS C 251 25.18 1.66 -19.31
CA HIS C 251 23.78 1.40 -19.06
C HIS C 251 23.65 0.09 -18.31
N ILE C 252 23.58 0.19 -16.99
CA ILE C 252 23.66 -0.98 -16.12
C ILE C 252 22.46 -1.04 -15.20
N LEU C 253 21.73 -2.15 -15.28
CA LEU C 253 20.51 -2.38 -14.52
C LEU C 253 20.87 -3.36 -13.39
N THR C 254 20.28 -3.14 -12.23
CA THR C 254 20.36 -4.08 -11.13
C THR C 254 18.95 -4.28 -10.52
N PRO C 255 18.46 -5.53 -10.49
CA PRO C 255 17.14 -5.77 -9.87
C PRO C 255 17.13 -5.30 -8.42
N GLU C 256 16.04 -4.68 -7.99
CA GLU C 256 15.84 -4.38 -6.59
C GLU C 256 14.88 -5.41 -6.02
N THR C 257 13.66 -5.39 -6.50
CA THR C 257 12.68 -6.43 -6.22
C THR C 257 12.34 -7.05 -7.56
N GLU C 258 11.42 -8.00 -7.57
CA GLU C 258 10.97 -8.60 -8.82
C GLU C 258 10.40 -7.56 -9.75
N ALA C 259 9.80 -6.51 -9.18
CA ALA C 259 9.04 -5.56 -9.99
C ALA C 259 9.67 -4.16 -10.00
N SER C 260 10.93 -4.04 -9.61
CA SER C 260 11.59 -2.73 -9.57
C SER C 260 13.09 -2.88 -9.79
N CYS C 261 13.72 -1.81 -10.26
CA CYS C 261 15.14 -1.86 -10.54
C CYS C 261 15.88 -0.55 -10.37
N HIS C 262 17.19 -0.70 -10.21
CA HIS C 262 18.14 0.39 -10.22
C HIS C 262 18.76 0.49 -11.58
N TYR C 263 19.00 1.72 -12.04
CA TYR C 263 19.55 1.98 -13.37
C TYR C 263 20.69 2.99 -13.20
N PHE C 264 21.89 2.51 -13.46
CA PHE C 264 23.13 3.30 -13.41
C PHE C 264 23.46 3.65 -14.85
N PHE C 265 23.57 4.94 -15.12
CA PHE C 265 23.81 5.38 -16.50
C PHE C 265 25.00 6.31 -16.52
N GLY C 266 25.60 6.43 -17.68
CA GLY C 266 26.66 7.38 -17.87
C GLY C 266 27.21 7.35 -19.27
N SER C 267 28.19 8.19 -19.49
CA SER C 267 28.84 8.23 -20.78
C SER C 267 30.27 8.62 -20.62
N SER C 268 31.09 8.00 -21.45
CA SER C 268 32.48 8.34 -21.55
C SER C 268 32.75 8.82 -22.98
N ARG C 269 33.09 10.10 -23.12
CA ARG C 269 33.11 10.75 -24.43
C ARG C 269 34.46 11.38 -24.71
N ASN C 270 34.79 11.48 -25.98
CA ASN C 270 36.09 11.97 -26.38
C ASN C 270 35.96 13.32 -27.10
N PHE C 271 34.78 13.93 -26.96
CA PHE C 271 34.51 15.26 -27.49
C PHE C 271 34.00 16.21 -26.42
N GLY C 272 34.26 17.51 -26.61
CA GLY C 272 33.69 18.50 -25.69
C GLY C 272 34.02 18.13 -24.24
N ILE C 273 35.24 17.65 -24.03
CA ILE C 273 35.59 17.03 -22.75
C ILE C 273 35.57 18.08 -21.64
N ASP C 274 35.81 19.34 -21.99
CA ASP C 274 35.88 20.41 -21.00
C ASP C 274 34.61 21.25 -20.95
N ASP C 275 33.54 20.77 -21.57
CA ASP C 275 32.29 21.53 -21.68
C ASP C 275 31.32 21.10 -20.58
N PRO C 276 31.12 21.98 -19.59
CA PRO C 276 30.28 21.60 -18.45
C PRO C 276 28.78 21.59 -18.76
N GLU C 277 28.37 22.29 -19.82
CA GLU C 277 26.98 22.25 -20.24
C GLU C 277 26.66 20.88 -20.84
N MET C 278 27.63 20.33 -21.55
CA MET C 278 27.48 19.01 -22.08
C MET C 278 27.44 18.01 -20.93
N ASP C 279 28.26 18.23 -19.90
CA ASP C 279 28.23 17.38 -18.71
C ASP C 279 26.81 17.35 -18.14
N GLY C 280 26.17 18.51 -18.07
CA GLY C 280 24.84 18.60 -17.48
C GLY C 280 23.79 17.80 -18.24
N VAL C 281 23.75 17.92 -19.56
CA VAL C 281 22.72 17.21 -20.35
C VAL C 281 22.99 15.70 -20.28
N LEU C 282 24.27 15.32 -20.15
CA LEU C 282 24.64 13.91 -20.11
C LEU C 282 24.49 13.28 -18.71
N ARG C 283 24.31 14.13 -17.70
CA ARG C 283 23.91 13.72 -16.36
C ARG C 283 22.39 13.66 -16.18
N SER C 284 21.63 14.00 -17.22
CA SER C 284 20.17 13.96 -17.16
C SER C 284 19.56 12.58 -17.35
N TRP C 285 18.84 12.11 -16.32
CA TRP C 285 18.12 10.84 -16.39
C TRP C 285 17.21 10.73 -17.61
N GLN C 286 16.34 11.74 -17.82
CA GLN C 286 15.47 11.72 -18.98
C GLN C 286 16.16 11.84 -20.34
N ALA C 287 17.27 12.58 -20.39
CA ALA C 287 17.97 12.76 -21.64
C ALA C 287 18.78 11.53 -21.99
N GLN C 288 19.23 10.78 -20.98
CA GLN C 288 20.30 9.77 -21.17
C GLN C 288 19.85 8.33 -20.95
N ALA C 289 18.84 8.16 -20.11
CA ALA C 289 18.46 6.81 -19.68
C ALA C 289 17.03 6.50 -20.06
N LEU C 290 16.10 7.36 -19.66
CA LEU C 290 14.70 7.02 -19.82
C LEU C 290 13.82 8.26 -19.83
N VAL C 291 13.31 8.65 -21.00
CA VAL C 291 12.39 9.79 -21.04
C VAL C 291 11.09 9.46 -20.32
N LYS C 292 10.45 10.47 -19.72
CA LYS C 292 9.26 10.22 -18.92
C LYS C 292 8.25 9.34 -19.65
N GLU C 293 8.05 9.60 -20.93
CA GLU C 293 7.03 8.86 -21.66
C GLU C 293 7.34 7.36 -21.73
N ASP C 294 8.62 7.01 -21.82
CA ASP C 294 9.03 5.60 -21.84
C ASP C 294 8.96 4.94 -20.46
N LYS C 295 9.27 5.70 -19.42
CA LYS C 295 9.07 5.21 -18.02
C LYS C 295 7.62 4.87 -17.79
N VAL C 296 6.71 5.72 -18.27
CA VAL C 296 5.27 5.47 -18.16
C VAL C 296 4.92 4.15 -18.83
N VAL C 297 5.46 3.95 -20.03
CA VAL C 297 5.20 2.72 -20.76
C VAL C 297 5.72 1.50 -20.00
N VAL C 298 6.98 1.52 -19.56
CA VAL C 298 7.49 0.30 -18.92
C VAL C 298 6.89 0.00 -17.56
N GLU C 299 6.56 1.03 -16.83
CA GLU C 299 5.88 0.80 -15.57
C GLU C 299 4.47 0.27 -15.80
N ALA C 300 3.83 0.71 -16.90
CA ALA C 300 2.52 0.16 -17.30
C ALA C 300 2.61 -1.28 -17.74
N ILE C 301 3.63 -1.63 -18.51
CA ILE C 301 3.88 -3.03 -18.83
C ILE C 301 3.98 -3.91 -17.58
N GLU C 302 4.73 -3.47 -16.58
CA GLU C 302 4.83 -4.20 -15.32
C GLU C 302 3.44 -4.44 -14.70
N ARG C 303 2.57 -3.44 -14.76
CA ARG C 303 1.21 -3.59 -14.20
C ARG C 303 0.34 -4.57 -14.98
N ARG C 304 0.72 -4.87 -16.21
CA ARG C 304 0.02 -5.86 -17.02
C ARG C 304 0.52 -7.30 -16.85
N ARG C 305 1.57 -7.48 -16.05
CA ARG C 305 2.21 -8.79 -15.93
C ARG C 305 1.22 -9.84 -15.42
N ALA C 306 0.41 -9.47 -14.43
CA ALA C 306 -0.52 -10.42 -13.84
C ALA C 306 -1.50 -10.95 -14.87
N TYR C 307 -2.08 -10.04 -15.64
CA TYR C 307 -3.03 -10.43 -16.67
C TYR C 307 -2.35 -11.35 -17.68
N VAL C 308 -1.17 -10.94 -18.15
CA VAL C 308 -0.47 -11.69 -19.17
C VAL C 308 -0.19 -13.10 -18.66
N GLU C 309 0.26 -13.19 -17.42
CA GLU C 309 0.58 -14.49 -16.83
C GLU C 309 -0.65 -15.36 -16.64
N ALA C 310 -1.73 -14.79 -16.14
CA ALA C 310 -2.98 -15.51 -15.92
C ALA C 310 -3.58 -16.03 -17.21
N ASN C 311 -3.34 -15.34 -18.31
CA ASN C 311 -3.96 -15.70 -19.56
C ASN C 311 -2.98 -16.34 -20.54
N GLY C 312 -1.78 -16.66 -20.04
CA GLY C 312 -0.80 -17.41 -20.80
C GLY C 312 -0.48 -16.70 -22.09
N ILE C 313 -0.32 -15.38 -22.01
CA ILE C 313 -0.03 -14.56 -23.17
C ILE C 313 1.49 -14.45 -23.28
N ARG C 314 2.01 -14.63 -24.51
CA ARG C 314 3.45 -14.52 -24.77
C ARG C 314 3.72 -13.39 -25.76
N PRO C 315 4.89 -12.77 -25.68
CA PRO C 315 5.17 -11.67 -26.60
C PRO C 315 5.35 -12.15 -28.04
N ALA C 316 4.95 -11.31 -28.99
CA ALA C 316 5.16 -11.55 -30.42
C ALA C 316 6.35 -10.76 -30.92
N MET C 317 7.37 -11.43 -31.41
CA MET C 317 8.62 -10.73 -31.68
C MET C 317 8.58 -10.09 -33.07
N LEU C 318 9.35 -9.02 -33.22
CA LEU C 318 9.50 -8.32 -34.47
C LEU C 318 10.99 -8.38 -34.87
N SER C 319 11.29 -7.93 -36.08
CA SER C 319 12.68 -7.87 -36.57
C SER C 319 13.61 -7.07 -35.65
N CYS C 320 13.07 -6.10 -34.92
CA CYS C 320 13.92 -5.28 -34.05
C CYS C 320 14.34 -6.00 -32.77
N ASP C 321 13.88 -7.24 -32.60
CA ASP C 321 14.00 -7.92 -31.33
C ASP C 321 15.16 -8.91 -31.28
N GLU C 322 15.93 -9.01 -32.36
CA GLU C 322 16.82 -10.14 -32.56
C GLU C 322 17.81 -10.25 -31.40
N ALA C 323 18.51 -9.16 -31.09
CA ALA C 323 19.45 -9.14 -29.94
C ALA C 323 18.77 -9.32 -28.57
N ALA C 324 17.68 -8.57 -28.34
CA ALA C 324 16.97 -8.67 -27.09
C ALA C 324 16.59 -10.11 -26.80
N VAL C 325 16.09 -10.80 -27.83
CA VAL C 325 15.67 -12.21 -27.69
C VAL C 325 16.83 -13.14 -27.30
N ARG C 326 17.97 -12.97 -27.96
CA ARG C 326 19.17 -13.69 -27.61
C ARG C 326 19.59 -13.45 -26.17
N VAL C 327 19.55 -12.19 -25.73
CA VAL C 327 19.91 -11.86 -24.35
C VAL C 327 18.90 -12.51 -23.41
N SER C 328 17.63 -12.39 -23.76
CA SER C 328 16.56 -12.89 -22.94
C SER C 328 16.78 -14.37 -22.71
N ARG C 329 17.15 -15.08 -23.77
CA ARG C 329 17.30 -16.52 -23.70
C ARG C 329 18.52 -16.89 -22.87
N GLU C 330 19.58 -16.09 -22.92
CA GLU C 330 20.76 -16.37 -22.10
CA GLU C 330 20.78 -16.34 -22.10
C GLU C 330 20.45 -16.15 -20.62
N ILE C 331 19.67 -15.11 -20.31
CA ILE C 331 19.25 -14.85 -18.90
C ILE C 331 18.42 -16.02 -18.38
N GLU C 332 17.49 -16.48 -19.21
CA GLU C 332 16.62 -17.54 -18.77
C GLU C 332 17.40 -18.82 -18.48
N LYS C 333 18.44 -19.06 -19.27
CA LYS C 333 19.34 -20.19 -19.10
C LYS C 333 20.07 -20.09 -17.75
N LEU C 334 20.53 -18.89 -17.42
CA LEU C 334 21.23 -18.66 -16.16
C LEU C 334 20.30 -18.90 -14.97
N GLU C 335 19.06 -18.45 -15.09
CA GLU C 335 18.06 -18.70 -14.06
C GLU C 335 17.83 -20.19 -13.88
N GLN C 336 17.72 -20.91 -15.00
CA GLN C 336 17.42 -22.34 -14.94
C GLN C 336 18.55 -23.09 -14.25
N LEU C 337 19.79 -22.76 -14.61
CA LEU C 337 20.98 -23.33 -13.99
C LEU C 337 20.90 -23.19 -12.47
N GLU C 338 20.43 -22.04 -12.02
CA GLU C 338 20.45 -21.73 -10.60
C GLU C 338 19.33 -22.45 -9.84
N ALA C 339 18.18 -22.66 -10.45
CA ALA C 339 17.22 -23.64 -9.92
C ALA C 339 17.81 -25.06 -9.81
N ALA C 340 18.99 -25.18 -9.19
CA ALA C 340 19.15 -25.87 -7.90
C ALA C 340 18.00 -25.54 -6.95
#